data_5NA7
#
_entry.id   5NA7
#
_cell.length_a   103.509
_cell.length_b   103.509
_cell.length_c   141.049
_cell.angle_alpha   90.000
_cell.angle_beta   90.000
_cell.angle_gamma   120.000
#
_symmetry.space_group_name_H-M   'P 31 2 1'
#
loop_
_entity.id
_entity.type
_entity.pdbx_description
1 polymer 'Putative dipeptidyl-peptidase III'
2 non-polymer 'ZINC ION'
3 non-polymer 'SULFATE ION'
4 non-polymer 'CHLORIDE ION'
5 water water
#
_entity_poly.entity_id   1
_entity_poly.type   'polypeptide(L)'
_entity_poly.pdbx_seq_one_letter_code
;MAVTATILASCGGAKTTTAEADKFDYTVEQFADLQILRYKVPEFETLTLKQKELVYYLTQAALEGRDILFDQNGKYNLRI
RRMLEAVYTNYKGDKSAPDFKNMEVYLKRVWFSNGIHHHYGMEKFVPGFSQDFLKQAVLGTDAQLLPLSEGQTAEQLCDE
LFPVMFDPAILAKRVNQADGEDLVLTSACNYYDGVTQQEAESFYGAMKDPKDETPVSYGLNSRLVKEDGKIQEKVWKVGG
LYTQAIEKIVYWLKKAETVAENDAQKAVISKLIQFYETGSLKDFDEYAILWVKDLDSRIDFVNGFTESYGDPLGVKASWE
SLVNFKDLDATHRTEIISSNAQWFEDHSPVDKSFKKEKVKGVSAKVITAAILAGDLYPATAIGINLPNANWIRAHHGSKS
VTIGNITDAYNKAAHGNGFNEEFVCNDEERQRIDQYGDLTGELHTDLHECLGHGSGKLLPGVDPDALKAYGSTIEEARAD
LFGLYYVADPKLVELKLVPDAEAYKAEYYTFLMNGLMTQLVRIEPGNNIEEAHMRNRQLIARWVFEKGAPDKVVEMVKKD
GKTYVVVNDYEKVRQLFGELLAEIQRIKSTGDFEGARTLVENYAVKVDPALHAEVLARYKKLNLAPYKGFINPVYELVTD
KDGNITDVTVSYNEDYVEQMLRYSKDYSPLPSVNNLEHHHHHH
;
_entity_poly.pdbx_strand_id   A
#
loop_
_chem_comp.id
_chem_comp.type
_chem_comp.name
_chem_comp.formula
CL non-polymer 'CHLORIDE ION' 'Cl -1'
SO4 non-polymer 'SULFATE ION' 'O4 S -2'
ZN non-polymer 'ZINC ION' 'Zn 2'
#
# COMPACT_ATOMS: atom_id res chain seq x y z
N PHE A 24 -1.30 1.25 24.17
CA PHE A 24 -1.95 1.12 22.87
C PHE A 24 -1.40 -0.11 22.15
N ASP A 25 -2.31 -0.98 21.69
CA ASP A 25 -1.93 -2.24 21.04
C ASP A 25 -2.08 -2.07 19.53
N TYR A 26 -0.94 -2.05 18.84
CA TYR A 26 -0.93 -1.87 17.40
C TYR A 26 -1.33 -3.14 16.66
N THR A 27 -1.31 -4.29 17.33
CA THR A 27 -1.58 -5.58 16.71
C THR A 27 -2.98 -6.04 17.12
N VAL A 28 -3.73 -6.61 16.18
CA VAL A 28 -5.10 -7.00 16.45
C VAL A 28 -5.20 -8.52 16.51
N GLU A 29 -4.99 -9.20 15.39
CA GLU A 29 -4.97 -10.65 15.38
C GLU A 29 -4.22 -11.12 14.15
N GLN A 30 -4.03 -12.44 14.07
CA GLN A 30 -3.36 -13.04 12.93
C GLN A 30 -4.06 -14.34 12.55
N PHE A 31 -4.19 -14.58 11.25
CA PHE A 31 -4.83 -15.77 10.72
C PHE A 31 -4.36 -15.95 9.28
N ALA A 32 -4.33 -17.21 8.84
CA ALA A 32 -3.88 -17.54 7.47
C ALA A 32 -2.52 -16.86 7.30
N ASP A 33 -2.28 -16.12 6.23
CA ASP A 33 -0.99 -15.48 6.00
C ASP A 33 -1.06 -13.97 6.27
N LEU A 34 -2.01 -13.54 7.11
CA LEU A 34 -2.39 -12.16 7.30
C LEU A 34 -2.27 -11.76 8.77
N GLN A 35 -1.79 -10.54 9.03
CA GLN A 35 -1.83 -9.96 10.36
C GLN A 35 -2.61 -8.65 10.32
N ILE A 36 -3.57 -8.49 11.23
CA ILE A 36 -4.36 -7.26 11.34
C ILE A 36 -3.74 -6.34 12.37
N LEU A 37 -3.54 -5.08 11.99
CA LEU A 37 -2.97 -4.04 12.83
C LEU A 37 -3.98 -2.92 13.02
N ARG A 38 -3.67 -1.98 13.91
CA ARG A 38 -4.41 -0.73 13.96
C ARG A 38 -3.41 0.42 13.92
N TYR A 39 -3.92 1.61 13.60
CA TYR A 39 -3.11 2.82 13.57
C TYR A 39 -3.73 3.91 14.41
N LYS A 40 -2.89 4.78 14.95
CA LYS A 40 -3.37 5.96 15.65
C LYS A 40 -3.63 7.08 14.66
N VAL A 41 -4.44 8.04 15.09
CA VAL A 41 -4.67 9.23 14.26
C VAL A 41 -4.11 10.42 15.03
N PRO A 42 -2.80 10.61 15.03
CA PRO A 42 -2.18 11.61 15.90
C PRO A 42 -2.63 13.02 15.56
N GLU A 43 -2.87 13.82 16.59
CA GLU A 43 -3.22 15.25 16.52
C GLU A 43 -4.64 15.51 16.03
N PHE A 44 -5.47 14.47 15.88
CA PHE A 44 -6.85 14.69 15.50
C PHE A 44 -7.53 15.65 16.47
N GLU A 45 -7.28 15.48 17.77
CA GLU A 45 -7.90 16.32 18.78
C GLU A 45 -7.45 17.78 18.71
N THR A 46 -6.35 18.07 18.01
CA THR A 46 -5.91 19.45 17.87
C THR A 46 -6.65 20.21 16.78
N LEU A 47 -7.41 19.52 15.93
CA LEU A 47 -8.13 20.21 14.88
C LEU A 47 -9.24 21.06 15.49
N THR A 48 -9.70 22.06 14.72
CA THR A 48 -10.86 22.81 15.17
C THR A 48 -12.09 21.91 15.07
N LEU A 49 -13.13 22.28 15.83
CA LEU A 49 -14.37 21.52 15.78
C LEU A 49 -14.92 21.44 14.36
N LYS A 50 -14.94 22.55 13.63
CA LYS A 50 -15.43 22.49 12.25
C LYS A 50 -14.58 21.56 11.39
N GLN A 51 -13.26 21.57 11.62
CA GLN A 51 -12.40 20.63 10.90
C GLN A 51 -12.76 19.19 11.23
N LYS A 52 -12.97 18.88 12.53
CA LYS A 52 -13.37 17.54 12.89
C LYS A 52 -14.68 17.14 12.20
N GLU A 53 -15.63 18.06 12.09
CA GLU A 53 -16.87 17.78 11.38
C GLU A 53 -16.61 17.42 9.93
N LEU A 54 -15.72 18.15 9.27
CA LEU A 54 -15.42 17.86 7.87
C LEU A 54 -14.77 16.48 7.73
N VAL A 55 -13.81 16.16 8.62
CA VAL A 55 -13.25 14.83 8.64
C VAL A 55 -14.35 13.77 8.83
N TYR A 56 -15.25 14.00 9.79
CA TYR A 56 -16.31 13.03 10.05
C TYR A 56 -17.13 12.76 8.79
N TYR A 57 -17.63 13.80 8.13
CA TYR A 57 -18.43 13.60 6.93
C TYR A 57 -17.64 12.90 5.85
N LEU A 58 -16.39 13.31 5.63
CA LEU A 58 -15.58 12.63 4.62
C LEU A 58 -15.37 11.16 4.95
N THR A 59 -15.22 10.83 6.24
CA THR A 59 -15.03 9.42 6.61
C THR A 59 -16.31 8.62 6.41
N GLN A 60 -17.47 9.23 6.65
CA GLN A 60 -18.71 8.54 6.31
C GLN A 60 -18.82 8.28 4.82
N ALA A 61 -18.47 9.28 4.00
CA ALA A 61 -18.44 9.10 2.55
C ALA A 61 -17.49 7.99 2.15
N ALA A 62 -16.40 7.82 2.90
CA ALA A 62 -15.44 6.76 2.63
C ALA A 62 -16.04 5.39 2.91
N LEU A 63 -16.65 5.22 4.10
CA LEU A 63 -17.08 3.92 4.56
C LEU A 63 -18.26 3.35 3.77
N GLU A 64 -19.05 4.20 3.11
CA GLU A 64 -20.16 3.73 2.28
C GLU A 64 -19.72 2.97 1.04
N GLY A 65 -18.45 3.05 0.64
CA GLY A 65 -18.04 2.46 -0.62
C GLY A 65 -17.59 1.01 -0.61
N ARG A 66 -17.57 0.38 0.57
CA ARG A 66 -16.96 -0.95 0.69
C ARG A 66 -17.61 -1.98 -0.23
N ASP A 67 -18.95 -1.98 -0.31
CA ASP A 67 -19.63 -2.96 -1.15
C ASP A 67 -19.25 -2.81 -2.62
N ILE A 68 -18.94 -1.59 -3.06
CA ILE A 68 -18.55 -1.36 -4.46
C ILE A 68 -17.34 -2.22 -4.83
N LEU A 69 -16.29 -2.15 -4.01
CA LEU A 69 -15.08 -2.92 -4.28
C LEU A 69 -15.36 -4.42 -4.30
N PHE A 70 -16.12 -4.91 -3.32
CA PHE A 70 -16.50 -6.33 -3.34
C PHE A 70 -17.10 -6.71 -4.68
N ASP A 71 -18.05 -5.91 -5.16
CA ASP A 71 -18.72 -6.26 -6.41
C ASP A 71 -17.78 -6.13 -7.59
N GLN A 72 -16.93 -5.09 -7.59
CA GLN A 72 -15.96 -4.96 -8.68
C GLN A 72 -15.02 -6.15 -8.72
N ASN A 73 -14.71 -6.74 -7.55
CA ASN A 73 -13.79 -7.85 -7.53
C ASN A 73 -14.43 -9.17 -7.87
N GLY A 74 -15.76 -9.21 -8.04
CA GLY A 74 -16.41 -10.43 -8.45
C GLY A 74 -17.91 -10.38 -8.27
N LYS A 75 -18.67 -10.80 -9.28
CA LYS A 75 -20.12 -10.65 -9.20
C LYS A 75 -20.75 -11.57 -8.16
N TYR A 76 -20.02 -12.56 -7.63
CA TYR A 76 -20.56 -13.42 -6.59
C TYR A 76 -20.11 -13.01 -5.18
N ASN A 77 -19.25 -11.99 -5.05
CA ASN A 77 -18.59 -11.76 -3.78
C ASN A 77 -19.57 -11.30 -2.70
N LEU A 78 -20.51 -10.42 -3.04
CA LEU A 78 -21.45 -9.94 -2.02
C LEU A 78 -22.35 -11.06 -1.55
N ARG A 79 -22.78 -11.95 -2.45
CA ARG A 79 -23.59 -13.10 -2.04
C ARG A 79 -22.80 -13.99 -1.11
N ILE A 80 -21.54 -14.28 -1.48
CA ILE A 80 -20.73 -15.20 -0.69
C ILE A 80 -20.45 -14.58 0.68
N ARG A 81 -20.02 -13.31 0.70
CA ARG A 81 -19.79 -12.60 1.96
C ARG A 81 -21.03 -12.66 2.84
N ARG A 82 -22.19 -12.25 2.28
CA ARG A 82 -23.42 -12.17 3.07
C ARG A 82 -23.93 -13.55 3.49
N MET A 83 -23.68 -14.58 2.69
CA MET A 83 -24.07 -15.93 3.11
C MET A 83 -23.24 -16.39 4.30
N LEU A 84 -21.92 -16.30 4.17
CA LEU A 84 -21.04 -16.64 5.29
C LEU A 84 -21.33 -15.77 6.50
N GLU A 85 -21.62 -14.48 6.28
CA GLU A 85 -21.91 -13.61 7.42
C GLU A 85 -23.17 -14.05 8.14
N ALA A 86 -24.22 -14.42 7.40
CA ALA A 86 -25.44 -14.90 8.04
C ALA A 86 -25.20 -16.21 8.78
N VAL A 87 -24.46 -17.12 8.16
CA VAL A 87 -24.09 -18.35 8.86
C VAL A 87 -23.29 -18.03 10.11
N TYR A 88 -22.25 -17.21 9.94
CA TYR A 88 -21.30 -16.97 11.01
C TYR A 88 -21.99 -16.38 12.25
N THR A 89 -22.83 -15.36 12.06
CA THR A 89 -23.36 -14.68 13.24
C THR A 89 -24.52 -15.42 13.89
N ASN A 90 -25.16 -16.35 13.20
CA ASN A 90 -26.30 -17.07 13.77
C ASN A 90 -26.00 -18.53 14.07
N TYR A 91 -24.76 -18.99 13.85
CA TYR A 91 -24.46 -20.40 14.03
C TYR A 91 -24.74 -20.82 15.47
N LYS A 92 -25.49 -21.90 15.64
CA LYS A 92 -25.80 -22.45 16.95
C LYS A 92 -25.06 -23.75 17.22
N GLY A 93 -24.16 -24.15 16.32
CA GLY A 93 -23.43 -25.39 16.45
C GLY A 93 -22.09 -25.20 17.16
N ASP A 94 -21.24 -26.22 17.05
CA ASP A 94 -20.00 -26.28 17.80
C ASP A 94 -18.95 -25.45 17.08
N LYS A 95 -18.68 -24.25 17.62
CA LYS A 95 -17.74 -23.31 17.01
C LYS A 95 -16.28 -23.71 17.22
N SER A 96 -16.01 -24.74 18.02
CA SER A 96 -14.65 -25.24 18.17
C SER A 96 -14.29 -26.26 17.10
N ALA A 97 -15.30 -26.74 16.35
CA ALA A 97 -15.09 -27.81 15.39
C ALA A 97 -14.27 -27.29 14.21
N PRO A 98 -13.41 -28.13 13.64
CA PRO A 98 -12.54 -27.67 12.54
C PRO A 98 -13.28 -27.06 11.37
N ASP A 99 -14.41 -27.61 10.94
CA ASP A 99 -15.15 -27.01 9.83
C ASP A 99 -15.53 -25.56 10.12
N PHE A 100 -16.06 -25.30 11.32
CA PHE A 100 -16.43 -23.92 11.62
C PHE A 100 -15.20 -23.01 11.69
N LYS A 101 -14.14 -23.50 12.33
CA LYS A 101 -12.92 -22.70 12.47
C LYS A 101 -12.34 -22.35 11.11
N ASN A 102 -12.31 -23.32 10.18
CA ASN A 102 -11.83 -23.02 8.83
C ASN A 102 -12.79 -22.12 8.06
N MET A 103 -14.10 -22.23 8.31
CA MET A 103 -15.02 -21.29 7.68
C MET A 103 -14.80 -19.88 8.21
N GLU A 104 -14.53 -19.75 9.50
CA GLU A 104 -14.23 -18.44 10.07
C GLU A 104 -13.00 -17.84 9.42
N VAL A 105 -11.94 -18.64 9.27
CA VAL A 105 -10.71 -18.16 8.61
C VAL A 105 -11.03 -17.69 7.19
N TYR A 106 -11.79 -18.50 6.46
CA TYR A 106 -12.18 -18.18 5.10
C TYR A 106 -12.92 -16.84 5.04
N LEU A 107 -13.92 -16.66 5.92
CA LEU A 107 -14.64 -15.41 5.95
C LEU A 107 -13.72 -14.25 6.31
N LYS A 108 -12.80 -14.46 7.25
CA LYS A 108 -11.87 -13.39 7.60
C LYS A 108 -10.96 -13.04 6.43
N ARG A 109 -10.59 -14.04 5.60
CA ARG A 109 -9.81 -13.75 4.42
C ARG A 109 -10.62 -12.99 3.39
N VAL A 110 -11.89 -13.34 3.25
CA VAL A 110 -12.79 -12.61 2.36
C VAL A 110 -12.92 -11.16 2.80
N TRP A 111 -13.02 -10.92 4.11
CA TRP A 111 -13.08 -9.56 4.60
C TRP A 111 -11.79 -8.83 4.26
N PHE A 112 -10.64 -9.49 4.44
CA PHE A 112 -9.36 -8.84 4.19
C PHE A 112 -9.20 -8.51 2.71
N SER A 113 -9.68 -9.39 1.84
CA SER A 113 -9.35 -9.35 0.42
C SER A 113 -10.46 -8.72 -0.42
N ASN A 114 -11.59 -8.37 0.19
CA ASN A 114 -12.73 -7.81 -0.52
C ASN A 114 -13.21 -8.73 -1.64
N GLY A 115 -13.21 -10.02 -1.37
CA GLY A 115 -13.59 -11.03 -2.33
C GLY A 115 -12.96 -12.36 -1.98
N ILE A 116 -13.17 -13.33 -2.87
CA ILE A 116 -12.75 -14.70 -2.61
C ILE A 116 -11.39 -15.01 -3.22
N HIS A 117 -10.61 -13.98 -3.57
CA HIS A 117 -9.29 -14.19 -4.17
C HIS A 117 -8.24 -13.48 -3.34
N HIS A 118 -7.02 -14.06 -3.36
CA HIS A 118 -5.91 -13.52 -2.59
C HIS A 118 -5.61 -12.08 -3.01
N HIS A 119 -5.47 -11.18 -2.01
CA HIS A 119 -5.39 -9.76 -2.30
C HIS A 119 -4.10 -9.41 -3.04
N TYR A 120 -3.11 -10.30 -2.99
CA TYR A 120 -1.84 -10.13 -3.68
C TYR A 120 -1.66 -11.11 -4.82
N GLY A 121 -1.89 -12.40 -4.58
CA GLY A 121 -1.65 -13.42 -5.60
C GLY A 121 -2.73 -13.56 -6.65
N MET A 122 -3.97 -13.14 -6.34
CA MET A 122 -5.16 -13.19 -7.19
C MET A 122 -5.81 -14.58 -7.22
N GLU A 123 -5.15 -15.64 -6.75
CA GLU A 123 -5.73 -16.97 -6.80
C GLU A 123 -6.89 -17.10 -5.83
N LYS A 124 -7.87 -17.92 -6.20
CA LYS A 124 -9.06 -18.07 -5.38
C LYS A 124 -8.74 -18.88 -4.13
N PHE A 125 -9.41 -18.53 -3.03
CA PHE A 125 -9.18 -19.25 -1.79
C PHE A 125 -9.67 -20.69 -1.90
N VAL A 126 -8.99 -21.59 -1.21
CA VAL A 126 -9.41 -22.98 -1.08
C VAL A 126 -10.16 -23.13 0.25
N PRO A 127 -11.44 -23.48 0.25
CA PRO A 127 -12.13 -23.69 1.52
C PRO A 127 -11.52 -24.86 2.29
N GLY A 128 -11.33 -24.67 3.59
CA GLY A 128 -10.79 -25.77 4.38
C GLY A 128 -11.89 -26.49 5.14
N PHE A 129 -13.11 -26.41 4.62
CA PHE A 129 -14.28 -27.02 5.24
C PHE A 129 -15.08 -27.71 4.16
N SER A 130 -15.92 -28.66 4.57
CA SER A 130 -16.63 -29.48 3.61
C SER A 130 -17.88 -28.78 3.10
N GLN A 131 -18.31 -29.17 1.89
CA GLN A 131 -19.58 -28.66 1.36
C GLN A 131 -20.75 -29.11 2.22
N ASP A 132 -20.69 -30.35 2.73
CA ASP A 132 -21.76 -30.85 3.58
C ASP A 132 -21.91 -29.98 4.82
N PHE A 133 -20.79 -29.55 5.40
CA PHE A 133 -20.84 -28.67 6.55
C PHE A 133 -21.54 -27.36 6.19
N LEU A 134 -21.12 -26.74 5.07
CA LEU A 134 -21.72 -25.46 4.68
C LEU A 134 -23.19 -25.63 4.34
N LYS A 135 -23.53 -26.71 3.63
CA LYS A 135 -24.92 -26.98 3.30
C LYS A 135 -25.76 -27.02 4.56
N GLN A 136 -25.33 -27.81 5.55
CA GLN A 136 -26.08 -27.91 6.80
C GLN A 136 -26.14 -26.58 7.54
N ALA A 137 -25.03 -25.84 7.56
CA ALA A 137 -25.02 -24.54 8.19
C ALA A 137 -25.96 -23.56 7.50
N VAL A 138 -26.00 -23.56 6.17
CA VAL A 138 -26.89 -22.65 5.45
C VAL A 138 -28.34 -23.02 5.71
N LEU A 139 -28.67 -24.31 5.62
CA LEU A 139 -30.05 -24.76 5.86
C LEU A 139 -30.50 -24.50 7.29
N GLY A 140 -29.57 -24.42 8.24
CA GLY A 140 -29.94 -24.11 9.59
C GLY A 140 -29.98 -22.64 9.91
N THR A 141 -29.76 -21.79 8.92
CA THR A 141 -29.89 -20.34 9.06
C THR A 141 -31.26 -19.91 8.59
N ASP A 142 -31.88 -19.01 9.36
CA ASP A 142 -33.11 -18.37 8.92
C ASP A 142 -32.96 -17.90 7.48
N ALA A 143 -33.82 -18.41 6.60
CA ALA A 143 -33.69 -18.08 5.18
C ALA A 143 -33.84 -16.58 4.93
N GLN A 144 -34.66 -15.91 5.75
CA GLN A 144 -34.79 -14.45 5.66
C GLN A 144 -33.45 -13.73 5.80
N LEU A 145 -32.48 -14.34 6.47
CA LEU A 145 -31.20 -13.68 6.71
C LEU A 145 -30.20 -13.94 5.58
N LEU A 146 -30.46 -14.90 4.69
CA LEU A 146 -29.57 -15.20 3.58
C LEU A 146 -29.79 -14.19 2.45
N PRO A 147 -28.69 -13.90 1.58
CA PRO A 147 -28.87 -13.01 0.42
C PRO A 147 -29.56 -13.71 -0.75
N LEU A 148 -30.81 -14.09 -0.54
CA LEU A 148 -31.58 -14.75 -1.58
C LEU A 148 -32.26 -13.71 -2.47
N SER A 149 -32.28 -13.99 -3.77
N SER A 149 -32.28 -13.99 -3.77
CA SER A 149 -33.15 -13.24 -4.65
CA SER A 149 -33.15 -13.24 -4.65
C SER A 149 -34.61 -13.59 -4.36
C SER A 149 -34.61 -13.59 -4.36
N GLU A 150 -35.52 -12.80 -4.92
CA GLU A 150 -36.95 -13.06 -4.71
C GLU A 150 -37.33 -14.38 -5.36
N GLY A 151 -37.98 -15.24 -4.59
CA GLY A 151 -38.38 -16.55 -5.07
C GLY A 151 -37.32 -17.62 -4.95
N GLN A 152 -36.09 -17.24 -4.62
CA GLN A 152 -35.01 -18.22 -4.50
C GLN A 152 -35.03 -18.89 -3.13
N THR A 153 -34.59 -20.14 -3.11
CA THR A 153 -34.46 -20.93 -1.88
C THR A 153 -32.99 -21.01 -1.46
N ALA A 154 -32.79 -21.45 -0.21
CA ALA A 154 -31.43 -21.66 0.28
C ALA A 154 -30.72 -22.75 -0.51
N GLU A 155 -31.44 -23.81 -0.90
CA GLU A 155 -30.83 -24.84 -1.73
C GLU A 155 -30.36 -24.29 -3.07
N GLN A 156 -31.19 -23.45 -3.70
CA GLN A 156 -30.80 -22.85 -4.98
C GLN A 156 -29.60 -21.92 -4.82
N LEU A 157 -29.55 -21.15 -3.73
CA LEU A 157 -28.39 -20.30 -3.51
C LEU A 157 -27.13 -21.13 -3.35
N CYS A 158 -27.22 -22.28 -2.71
CA CYS A 158 -26.06 -23.16 -2.60
C CYS A 158 -25.67 -23.75 -3.95
N ASP A 159 -26.65 -24.19 -4.74
CA ASP A 159 -26.36 -24.66 -6.08
C ASP A 159 -25.67 -23.57 -6.90
N GLU A 160 -26.03 -22.31 -6.67
CA GLU A 160 -25.38 -21.20 -7.34
C GLU A 160 -23.93 -21.08 -6.90
N LEU A 161 -23.70 -20.98 -5.59
CA LEU A 161 -22.43 -20.48 -5.07
C LEU A 161 -21.42 -21.58 -4.79
N PHE A 162 -21.87 -22.79 -4.45
CA PHE A 162 -20.91 -23.83 -4.04
C PHE A 162 -19.90 -24.16 -5.12
N PRO A 163 -20.24 -24.31 -6.41
CA PRO A 163 -19.19 -24.48 -7.41
C PRO A 163 -18.24 -23.30 -7.46
N VAL A 164 -18.76 -22.08 -7.28
CA VAL A 164 -17.91 -20.89 -7.31
C VAL A 164 -16.91 -20.93 -6.16
N MET A 165 -17.33 -21.41 -4.99
CA MET A 165 -16.44 -21.46 -3.82
C MET A 165 -15.52 -22.68 -3.84
N PHE A 166 -16.04 -23.85 -4.23
CA PHE A 166 -15.36 -25.12 -3.99
C PHE A 166 -14.62 -25.68 -5.21
N ASP A 167 -15.01 -25.35 -6.44
CA ASP A 167 -14.42 -26.01 -7.59
C ASP A 167 -13.18 -25.22 -8.01
N PRO A 168 -11.98 -25.80 -7.93
CA PRO A 168 -10.76 -25.01 -8.17
C PRO A 168 -10.66 -24.50 -9.60
N ALA A 169 -11.38 -25.09 -10.54
CA ALA A 169 -11.26 -24.68 -11.94
C ALA A 169 -12.11 -23.46 -12.28
N ILE A 170 -13.03 -23.09 -11.41
CA ILE A 170 -14.00 -22.03 -11.68
C ILE A 170 -13.45 -20.74 -11.10
N LEU A 171 -13.40 -19.68 -11.91
CA LEU A 171 -12.97 -18.35 -11.46
C LEU A 171 -11.68 -18.40 -10.65
N ALA A 172 -10.67 -19.09 -11.21
CA ALA A 172 -9.47 -19.40 -10.43
C ALA A 172 -8.63 -18.16 -10.11
N LYS A 173 -8.64 -17.15 -10.98
CA LYS A 173 -7.85 -15.94 -10.75
C LYS A 173 -8.72 -14.71 -10.82
N ARG A 174 -8.53 -13.78 -9.89
CA ARG A 174 -9.31 -12.55 -9.97
C ARG A 174 -8.81 -11.66 -11.09
N VAL A 175 -7.49 -11.68 -11.36
CA VAL A 175 -6.89 -11.01 -12.51
C VAL A 175 -5.89 -11.99 -13.11
N ASN A 176 -6.06 -12.33 -14.38
CA ASN A 176 -5.12 -13.18 -15.10
C ASN A 176 -4.16 -12.41 -16.00
N GLN A 177 -2.88 -12.81 -15.95
CA GLN A 177 -1.82 -12.26 -16.79
C GLN A 177 -1.25 -13.26 -17.80
N ALA A 178 -1.94 -14.36 -18.07
CA ALA A 178 -1.31 -15.41 -18.87
C ALA A 178 -1.58 -15.21 -20.36
N ASP A 179 -0.68 -15.75 -21.17
CA ASP A 179 -0.81 -15.65 -22.62
C ASP A 179 -1.75 -16.73 -23.14
N GLY A 180 -2.17 -16.57 -24.40
CA GLY A 180 -2.95 -17.60 -25.06
C GLY A 180 -4.31 -17.77 -24.40
N GLU A 181 -4.63 -16.86 -23.47
CA GLU A 181 -5.90 -16.85 -22.77
C GLU A 181 -6.60 -15.51 -22.95
N ASP A 182 -7.93 -15.57 -23.01
CA ASP A 182 -8.82 -14.41 -23.03
C ASP A 182 -8.91 -13.88 -21.60
N LEU A 183 -8.05 -12.89 -21.30
CA LEU A 183 -7.93 -12.37 -19.94
C LEU A 183 -9.23 -11.77 -19.41
N VAL A 184 -10.12 -11.27 -20.27
CA VAL A 184 -11.38 -10.78 -19.77
C VAL A 184 -12.25 -11.91 -19.23
N LEU A 185 -12.40 -13.00 -20.01
CA LEU A 185 -13.13 -14.15 -19.51
C LEU A 185 -12.34 -14.99 -18.51
N THR A 186 -11.01 -14.89 -18.50
CA THR A 186 -10.19 -15.66 -17.56
C THR A 186 -10.05 -14.98 -16.20
N SER A 187 -10.63 -13.79 -16.01
CA SER A 187 -10.43 -13.02 -14.78
C SER A 187 -11.78 -12.87 -14.10
N ALA A 188 -11.82 -13.23 -12.80
CA ALA A 188 -13.07 -13.21 -12.05
C ALA A 188 -13.55 -11.81 -11.72
N CYS A 189 -12.72 -10.79 -11.90
CA CYS A 189 -13.16 -9.42 -11.64
C CYS A 189 -14.36 -9.09 -12.52
N ASN A 190 -15.14 -8.11 -12.07
CA ASN A 190 -16.47 -7.87 -12.58
C ASN A 190 -16.55 -6.54 -13.31
N TYR A 191 -15.53 -6.23 -14.10
CA TYR A 191 -15.53 -5.01 -14.90
C TYR A 191 -16.08 -5.25 -16.30
N TYR A 192 -16.08 -6.50 -16.75
CA TYR A 192 -16.67 -6.88 -18.02
C TYR A 192 -17.65 -8.04 -17.80
N ASP A 193 -18.70 -8.04 -18.61
CA ASP A 193 -19.75 -9.05 -18.53
C ASP A 193 -20.15 -9.43 -19.95
N GLY A 194 -19.92 -10.68 -20.31
CA GLY A 194 -20.35 -11.18 -21.61
C GLY A 194 -19.69 -10.49 -22.78
N VAL A 195 -18.39 -10.21 -22.69
CA VAL A 195 -17.63 -9.54 -23.73
C VAL A 195 -16.26 -10.18 -23.77
N THR A 196 -15.75 -10.45 -24.98
CA THR A 196 -14.46 -11.09 -25.11
C THR A 196 -13.36 -10.04 -24.90
N GLN A 197 -12.12 -10.50 -24.80
CA GLN A 197 -11.05 -9.52 -24.60
C GLN A 197 -10.89 -8.67 -25.84
N GLN A 198 -10.99 -9.28 -27.03
CA GLN A 198 -10.82 -8.52 -28.27
C GLN A 198 -11.93 -7.50 -28.44
N GLU A 199 -13.17 -7.88 -28.10
CA GLU A 199 -14.27 -6.91 -28.09
C GLU A 199 -14.00 -5.78 -27.09
N ALA A 200 -13.44 -6.10 -25.92
CA ALA A 200 -13.22 -5.09 -24.90
C ALA A 200 -12.10 -4.13 -25.28
N GLU A 201 -10.94 -4.65 -25.70
CA GLU A 201 -9.85 -3.75 -26.09
C GLU A 201 -10.22 -2.94 -27.32
N SER A 202 -10.94 -3.54 -28.27
CA SER A 202 -11.31 -2.83 -29.48
C SER A 202 -12.26 -1.68 -29.18
N PHE A 203 -13.24 -1.91 -28.29
CA PHE A 203 -14.16 -0.84 -27.92
C PHE A 203 -13.41 0.41 -27.46
N TYR A 204 -12.39 0.22 -26.63
CA TYR A 204 -11.65 1.36 -26.09
C TYR A 204 -10.54 1.83 -27.02
N GLY A 205 -10.01 0.96 -27.86
CA GLY A 205 -9.09 1.41 -28.89
C GLY A 205 -9.76 2.34 -29.88
N ALA A 206 -11.04 2.08 -30.18
CA ALA A 206 -11.79 2.90 -31.12
C ALA A 206 -12.25 4.22 -30.50
N MET A 207 -12.63 4.18 -29.22
CA MET A 207 -13.13 5.38 -28.55
C MET A 207 -12.05 6.45 -28.42
N LYS A 208 -10.78 6.04 -28.38
CA LYS A 208 -9.69 6.97 -28.11
C LYS A 208 -9.45 7.93 -29.28
N ASP A 209 -9.08 9.16 -28.96
CA ASP A 209 -8.75 10.19 -29.95
C ASP A 209 -7.28 10.59 -29.80
N PRO A 210 -6.39 10.16 -30.71
CA PRO A 210 -4.96 10.53 -30.57
C PRO A 210 -4.70 11.99 -30.50
N LYS A 211 -5.52 12.80 -31.19
CA LYS A 211 -5.34 14.24 -31.25
C LYS A 211 -5.87 15.00 -30.06
N ASP A 212 -6.45 14.31 -29.10
CA ASP A 212 -7.04 14.97 -27.94
C ASP A 212 -5.91 15.31 -26.99
N GLU A 213 -5.65 16.61 -26.80
CA GLU A 213 -4.63 17.02 -25.86
C GLU A 213 -5.09 16.94 -24.41
N THR A 214 -6.40 16.89 -24.15
CA THR A 214 -6.91 16.75 -22.79
C THR A 214 -7.88 15.56 -22.73
N PRO A 215 -7.38 14.34 -22.96
CA PRO A 215 -8.31 13.20 -23.09
C PRO A 215 -8.88 12.77 -21.74
N VAL A 216 -10.17 12.47 -21.73
CA VAL A 216 -10.80 11.85 -20.57
C VAL A 216 -10.30 10.42 -20.40
N SER A 217 -10.51 9.87 -19.20
CA SER A 217 -10.00 8.55 -18.81
C SER A 217 -11.03 7.52 -19.27
N TYR A 218 -11.02 7.23 -20.58
CA TYR A 218 -12.01 6.37 -21.21
C TYR A 218 -12.22 5.09 -20.41
N GLY A 219 -13.48 4.79 -20.09
CA GLY A 219 -13.80 3.50 -19.50
C GLY A 219 -13.48 3.36 -18.03
N LEU A 220 -13.03 4.44 -17.38
CA LEU A 220 -12.58 4.33 -16.00
C LEU A 220 -13.71 3.90 -15.05
N ASN A 221 -14.94 4.32 -15.33
CA ASN A 221 -15.99 4.26 -14.32
C ASN A 221 -17.22 3.51 -14.81
N SER A 222 -17.04 2.40 -15.53
CA SER A 222 -18.18 1.71 -16.11
C SER A 222 -17.88 0.23 -16.20
N ARG A 223 -18.94 -0.57 -16.17
CA ARG A 223 -18.86 -1.96 -16.60
C ARG A 223 -19.18 -1.99 -18.09
N LEU A 224 -18.38 -2.72 -18.86
CA LEU A 224 -18.66 -2.87 -20.28
C LEU A 224 -19.39 -4.18 -20.50
N VAL A 225 -20.59 -4.10 -21.07
CA VAL A 225 -21.46 -5.26 -21.18
C VAL A 225 -22.03 -5.32 -22.59
N LYS A 226 -22.73 -6.42 -22.87
CA LYS A 226 -23.30 -6.71 -24.18
C LYS A 226 -24.78 -6.95 -23.93
N GLU A 227 -25.63 -6.04 -24.42
CA GLU A 227 -26.98 -5.97 -23.92
C GLU A 227 -27.96 -5.34 -24.92
N LYS A 230 -25.53 -4.78 -28.93
CA LYS A 230 -24.60 -3.67 -28.69
C LYS A 230 -23.71 -3.95 -27.49
N ILE A 231 -22.40 -3.77 -27.69
CA ILE A 231 -21.46 -3.53 -26.60
C ILE A 231 -21.63 -2.09 -26.12
N GLN A 232 -21.89 -1.93 -24.82
CA GLN A 232 -22.16 -0.61 -24.24
C GLN A 232 -21.60 -0.54 -22.83
N GLU A 233 -21.60 0.69 -22.29
CA GLU A 233 -21.08 0.96 -20.96
C GLU A 233 -22.24 1.18 -19.99
N LYS A 234 -22.16 0.54 -18.83
CA LYS A 234 -23.09 0.79 -17.72
C LYS A 234 -22.31 1.56 -16.67
N VAL A 235 -22.55 2.87 -16.60
CA VAL A 235 -21.69 3.76 -15.80
C VAL A 235 -22.09 3.66 -14.33
N TRP A 236 -21.09 3.71 -13.46
CA TRP A 236 -21.31 3.70 -12.02
C TRP A 236 -21.63 5.13 -11.59
N LYS A 237 -22.88 5.39 -11.24
CA LYS A 237 -23.32 6.77 -10.99
C LYS A 237 -24.67 6.73 -10.28
N VAL A 238 -25.06 7.89 -9.74
CA VAL A 238 -26.41 8.04 -9.21
C VAL A 238 -27.41 7.71 -10.31
N GLY A 239 -28.41 6.91 -9.98
CA GLY A 239 -29.36 6.44 -10.97
C GLY A 239 -28.83 5.40 -11.92
N GLY A 240 -27.61 4.92 -11.70
CA GLY A 240 -27.03 3.89 -12.54
C GLY A 240 -26.54 2.73 -11.71
N LEU A 241 -25.58 1.99 -12.24
CA LEU A 241 -24.99 0.86 -11.51
C LEU A 241 -24.34 1.37 -10.24
N TYR A 242 -24.61 0.68 -9.12
CA TYR A 242 -24.07 0.99 -7.79
C TYR A 242 -24.68 2.25 -7.18
N THR A 243 -25.86 2.68 -7.66
CA THR A 243 -26.41 3.94 -7.19
C THR A 243 -26.72 3.92 -5.70
N GLN A 244 -27.08 2.74 -5.16
CA GLN A 244 -27.42 2.65 -3.75
C GLN A 244 -26.26 3.09 -2.86
N ALA A 245 -25.03 2.76 -3.24
CA ALA A 245 -23.88 3.20 -2.47
C ALA A 245 -23.42 4.60 -2.85
N ILE A 246 -23.39 4.91 -4.16
CA ILE A 246 -22.97 6.24 -4.59
C ILE A 246 -23.90 7.32 -4.02
N GLU A 247 -25.20 7.06 -3.97
CA GLU A 247 -26.15 7.99 -3.34
C GLU A 247 -25.74 8.30 -1.90
N LYS A 248 -25.26 7.30 -1.17
CA LYS A 248 -24.84 7.53 0.20
C LYS A 248 -23.56 8.35 0.25
N ILE A 249 -22.59 8.02 -0.61
CA ILE A 249 -21.36 8.82 -0.70
C ILE A 249 -21.70 10.28 -0.97
N VAL A 250 -22.62 10.52 -1.91
CA VAL A 250 -22.96 11.89 -2.31
C VAL A 250 -23.62 12.62 -1.15
N TYR A 251 -24.50 11.92 -0.43
CA TYR A 251 -25.13 12.50 0.76
C TYR A 251 -24.08 13.04 1.73
N TRP A 252 -23.11 12.21 2.09
CA TRP A 252 -22.10 12.63 3.06
C TRP A 252 -21.16 13.68 2.47
N LEU A 253 -20.88 13.62 1.17
CA LEU A 253 -20.07 14.66 0.56
C LEU A 253 -20.78 16.00 0.59
N LYS A 254 -22.10 16.00 0.37
CA LYS A 254 -22.85 17.26 0.48
C LYS A 254 -22.77 17.84 1.88
N LYS A 255 -22.80 16.98 2.91
CA LYS A 255 -22.55 17.43 4.26
C LYS A 255 -21.16 18.04 4.39
N ALA A 256 -20.15 17.35 3.87
CA ALA A 256 -18.78 17.85 3.93
C ALA A 256 -18.66 19.20 3.23
N GLU A 257 -19.34 19.36 2.10
CA GLU A 257 -19.35 20.62 1.37
C GLU A 257 -19.74 21.81 2.25
N THR A 258 -20.69 21.60 3.17
CA THR A 258 -21.17 22.69 4.02
C THR A 258 -20.15 23.15 5.06
N VAL A 259 -19.09 22.37 5.30
CA VAL A 259 -18.11 22.73 6.31
C VAL A 259 -16.71 22.72 5.72
N ALA A 260 -16.60 23.08 4.44
CA ALA A 260 -15.29 23.12 3.79
C ALA A 260 -14.37 24.14 4.47
N GLU A 261 -13.07 23.86 4.43
CA GLU A 261 -12.11 24.76 5.09
C GLU A 261 -11.93 26.07 4.33
N ASN A 262 -12.14 26.06 3.01
CA ASN A 262 -11.95 27.24 2.19
C ASN A 262 -12.63 27.00 0.86
N ASP A 263 -12.63 28.03 0.00
CA ASP A 263 -13.42 27.93 -1.22
C ASP A 263 -12.78 27.01 -2.26
N ALA A 264 -11.45 26.88 -2.26
CA ALA A 264 -10.81 25.93 -3.18
C ALA A 264 -11.22 24.50 -2.86
N GLN A 265 -11.15 24.13 -1.58
CA GLN A 265 -11.47 22.77 -1.18
C GLN A 265 -12.96 22.51 -1.39
N LYS A 266 -13.79 23.52 -1.15
CA LYS A 266 -15.23 23.39 -1.37
C LYS A 266 -15.53 23.08 -2.84
N ALA A 267 -14.81 23.73 -3.75
CA ALA A 267 -15.01 23.50 -5.17
C ALA A 267 -14.64 22.07 -5.56
N VAL A 268 -13.56 21.55 -4.97
CA VAL A 268 -13.20 20.15 -5.15
C VAL A 268 -14.38 19.26 -4.77
N ILE A 269 -14.89 19.44 -3.56
CA ILE A 269 -15.99 18.61 -3.07
C ILE A 269 -17.21 18.76 -3.98
N SER A 270 -17.54 20.00 -4.35
CA SER A 270 -18.71 20.24 -5.17
C SER A 270 -18.61 19.55 -6.54
N LYS A 271 -17.44 19.64 -7.19
CA LYS A 271 -17.26 18.98 -8.47
C LYS A 271 -17.31 17.46 -8.36
N LEU A 272 -16.74 16.90 -7.30
CA LEU A 272 -16.75 15.45 -7.12
C LEU A 272 -18.17 14.93 -6.98
N ILE A 273 -19.03 15.68 -6.29
CA ILE A 273 -20.44 15.31 -6.20
C ILE A 273 -21.07 15.22 -7.59
N GLN A 274 -20.85 16.25 -8.42
CA GLN A 274 -21.39 16.23 -9.78
C GLN A 274 -20.88 15.04 -10.58
N PHE A 275 -19.59 14.70 -10.47
CA PHE A 275 -19.07 13.54 -11.18
C PHE A 275 -19.85 12.29 -10.80
N TYR A 276 -20.14 12.11 -9.51
CA TYR A 276 -20.90 10.94 -9.07
C TYR A 276 -22.35 11.02 -9.53
N GLU A 277 -22.89 12.23 -9.65
CA GLU A 277 -24.27 12.39 -10.06
C GLU A 277 -24.46 12.18 -11.57
N THR A 278 -23.49 12.61 -12.37
CA THR A 278 -23.58 12.51 -13.82
C THR A 278 -22.82 11.33 -14.39
N GLY A 279 -21.83 10.81 -13.67
CA GLY A 279 -20.94 9.81 -14.25
C GLY A 279 -20.05 10.34 -15.34
N SER A 280 -20.03 11.65 -15.56
CA SER A 280 -19.29 12.23 -16.67
C SER A 280 -17.80 12.19 -16.38
N LEU A 281 -17.03 11.66 -17.33
CA LEU A 281 -15.59 11.60 -17.17
C LEU A 281 -14.92 12.95 -17.43
N LYS A 282 -15.61 13.87 -18.11
CA LYS A 282 -15.10 15.24 -18.16
C LYS A 282 -15.23 15.93 -16.81
N ASP A 283 -16.29 15.63 -16.07
CA ASP A 283 -16.39 16.10 -14.68
C ASP A 283 -15.23 15.57 -13.84
N PHE A 284 -14.85 14.31 -14.07
CA PHE A 284 -13.74 13.73 -13.32
C PHE A 284 -12.45 14.51 -13.57
N ASP A 285 -12.15 14.83 -14.83
CA ASP A 285 -10.96 15.65 -15.10
C ASP A 285 -11.07 17.03 -14.46
N GLU A 286 -12.26 17.63 -14.53
CA GLU A 286 -12.47 18.93 -13.88
C GLU A 286 -12.25 18.84 -12.38
N TYR A 287 -12.82 17.81 -11.75
CA TYR A 287 -12.58 17.58 -10.34
C TYR A 287 -11.09 17.43 -10.05
N ALA A 288 -10.39 16.63 -10.85
CA ALA A 288 -8.98 16.34 -10.59
C ALA A 288 -8.14 17.60 -10.72
N ILE A 289 -8.51 18.49 -11.65
CA ILE A 289 -7.81 19.77 -11.80
C ILE A 289 -7.99 20.62 -10.54
N LEU A 290 -9.22 20.74 -10.05
CA LEU A 290 -9.46 21.48 -8.82
C LEU A 290 -8.71 20.85 -7.65
N TRP A 291 -8.70 19.51 -7.57
CA TRP A 291 -8.03 18.83 -6.46
C TRP A 291 -6.55 19.16 -6.41
N VAL A 292 -5.88 19.14 -7.56
CA VAL A 292 -4.44 19.45 -7.59
C VAL A 292 -4.20 20.91 -7.24
N LYS A 293 -5.15 21.79 -7.53
CA LYS A 293 -4.97 23.19 -7.17
C LYS A 293 -5.20 23.44 -5.69
N ASP A 294 -5.87 22.52 -5.00
CA ASP A 294 -6.16 22.68 -3.57
C ASP A 294 -4.97 22.11 -2.79
N LEU A 295 -3.89 22.88 -2.76
CA LEU A 295 -2.64 22.45 -2.14
C LEU A 295 -2.49 22.95 -0.71
N ASP A 296 -3.26 23.96 -0.32
CA ASP A 296 -3.08 24.63 0.97
C ASP A 296 -3.85 23.98 2.11
N SER A 297 -4.93 23.26 1.83
CA SER A 297 -5.84 22.87 2.89
C SER A 297 -5.19 21.85 3.83
N ARG A 298 -5.50 21.98 5.11
CA ARG A 298 -5.03 21.02 6.11
C ARG A 298 -5.60 19.63 5.85
N ILE A 299 -6.89 19.55 5.55
CA ILE A 299 -7.59 18.29 5.32
C ILE A 299 -7.63 18.01 3.83
N ASP A 300 -7.47 16.73 3.47
CA ASP A 300 -7.60 16.30 2.09
C ASP A 300 -8.21 14.90 2.09
N PHE A 301 -8.52 14.40 0.90
CA PHE A 301 -9.10 13.08 0.80
C PHE A 301 -9.04 12.56 -0.62
N VAL A 302 -9.22 11.24 -0.76
CA VAL A 302 -9.49 10.57 -2.03
C VAL A 302 -10.81 9.84 -1.90
N ASN A 303 -11.64 9.89 -2.94
CA ASN A 303 -12.89 9.13 -2.93
C ASN A 303 -13.35 8.97 -4.39
N GLY A 304 -13.01 7.84 -4.99
CA GLY A 304 -13.37 7.65 -6.39
C GLY A 304 -12.81 6.35 -6.92
N PHE A 305 -13.10 6.12 -8.20
CA PHE A 305 -12.53 5.00 -8.93
C PHE A 305 -11.14 5.44 -9.39
N THR A 306 -10.09 4.90 -8.78
CA THR A 306 -8.78 5.53 -8.87
C THR A 306 -7.78 4.70 -9.67
N GLU A 307 -7.32 3.57 -9.15
CA GLU A 307 -6.27 2.79 -9.79
C GLU A 307 -6.84 1.64 -10.62
N SER A 308 -6.18 1.34 -11.73
CA SER A 308 -6.72 0.39 -12.71
C SER A 308 -6.00 -0.95 -12.70
N TYR A 309 -5.39 -1.35 -11.59
CA TYR A 309 -4.66 -2.62 -11.60
C TYR A 309 -5.58 -3.80 -11.37
N GLY A 310 -6.78 -3.57 -10.86
CA GLY A 310 -7.75 -4.64 -10.72
C GLY A 310 -8.28 -5.16 -12.04
N ASP A 311 -8.06 -4.42 -13.12
CA ASP A 311 -8.51 -4.80 -14.45
C ASP A 311 -7.33 -5.37 -15.20
N PRO A 312 -7.44 -6.58 -15.77
CA PRO A 312 -6.30 -7.12 -16.52
C PRO A 312 -5.99 -6.31 -17.75
N LEU A 313 -6.99 -5.63 -18.32
CA LEU A 313 -6.79 -4.70 -19.43
C LEU A 313 -6.33 -3.33 -18.98
N GLY A 314 -6.29 -3.06 -17.68
CA GLY A 314 -5.83 -1.77 -17.20
C GLY A 314 -6.69 -0.57 -17.51
N VAL A 315 -7.99 -0.76 -17.72
CA VAL A 315 -8.91 0.33 -18.07
C VAL A 315 -9.77 0.73 -16.88
N LYS A 316 -10.55 -0.21 -16.35
CA LYS A 316 -11.46 0.14 -15.26
C LYS A 316 -10.70 0.33 -13.96
N ALA A 317 -11.17 1.23 -13.13
CA ALA A 317 -10.51 1.53 -11.88
C ALA A 317 -11.35 1.03 -10.71
N SER A 318 -10.67 0.40 -9.74
CA SER A 318 -11.31 0.03 -8.49
C SER A 318 -11.65 1.28 -7.67
N TRP A 319 -12.66 1.14 -6.82
CA TRP A 319 -13.05 2.21 -5.93
C TRP A 319 -12.18 2.18 -4.68
N GLU A 320 -11.75 3.36 -4.23
CA GLU A 320 -11.04 3.45 -2.96
C GLU A 320 -11.35 4.80 -2.33
N SER A 321 -11.08 4.89 -1.03
CA SER A 321 -11.16 6.20 -0.39
C SER A 321 -10.14 6.27 0.74
N LEU A 322 -9.67 7.51 0.97
CA LEU A 322 -8.83 7.87 2.10
C LEU A 322 -9.23 9.26 2.57
N VAL A 323 -9.28 9.47 3.88
CA VAL A 323 -9.46 10.80 4.44
C VAL A 323 -8.22 11.09 5.27
N ASN A 324 -7.73 12.33 5.23
CA ASN A 324 -6.46 12.60 5.90
C ASN A 324 -6.37 14.08 6.23
N PHE A 325 -5.36 14.42 7.04
CA PHE A 325 -4.97 15.79 7.28
C PHE A 325 -3.45 15.83 7.37
N LYS A 326 -2.90 17.01 7.09
CA LYS A 326 -1.45 17.14 6.95
C LYS A 326 -0.76 16.88 8.29
N ASP A 327 0.34 16.12 8.25
CA ASP A 327 1.16 15.90 9.43
C ASP A 327 2.18 17.03 9.45
N LEU A 328 1.92 18.04 10.28
CA LEU A 328 2.71 19.27 10.22
C LEU A 328 4.15 19.03 10.66
N ASP A 329 4.35 18.34 11.79
CA ASP A 329 5.70 18.07 12.28
C ASP A 329 6.52 17.26 11.29
N ALA A 330 5.96 16.17 10.75
CA ALA A 330 6.70 15.33 9.82
C ALA A 330 7.02 16.08 8.54
N THR A 331 6.07 16.87 8.03
CA THR A 331 6.30 17.66 6.82
C THR A 331 7.40 18.68 7.06
N HIS A 332 7.38 19.32 8.23
CA HIS A 332 8.44 20.26 8.60
C HIS A 332 9.81 19.59 8.54
N ARG A 333 9.93 18.35 9.02
CA ARG A 333 11.21 17.65 8.97
C ARG A 333 11.69 17.44 7.54
N THR A 334 10.79 17.04 6.63
CA THR A 334 11.20 16.90 5.24
C THR A 334 11.54 18.25 4.61
N GLU A 335 10.91 19.32 5.07
CA GLU A 335 11.25 20.64 4.56
C GLU A 335 12.61 21.10 5.05
N ILE A 336 13.01 20.69 6.25
CA ILE A 336 14.38 20.96 6.71
C ILE A 336 15.40 20.26 5.82
N ILE A 337 15.14 18.99 5.50
CA ILE A 337 16.01 18.25 4.58
C ILE A 337 16.02 18.91 3.21
N SER A 338 14.83 19.23 2.69
CA SER A 338 14.74 19.85 1.38
C SER A 338 15.52 21.16 1.32
N SER A 339 15.32 22.04 2.31
CA SER A 339 15.97 23.34 2.23
C SER A 339 17.49 23.30 2.39
N ASN A 340 18.05 22.16 2.80
CA ASN A 340 19.49 21.99 2.89
C ASN A 340 20.05 21.16 1.73
N ALA A 341 19.28 21.00 0.65
CA ALA A 341 19.73 20.22 -0.50
C ALA A 341 21.13 20.59 -0.93
N GLN A 342 21.42 21.90 -0.99
CA GLN A 342 22.71 22.35 -1.50
C GLN A 342 23.86 22.04 -0.55
N TRP A 343 23.61 22.06 0.76
CA TRP A 343 24.65 21.71 1.70
C TRP A 343 25.07 20.25 1.52
N PHE A 344 24.09 19.35 1.43
CA PHE A 344 24.43 17.95 1.20
C PHE A 344 25.12 17.75 -0.14
N GLU A 345 24.68 18.47 -1.17
CA GLU A 345 25.30 18.33 -2.48
C GLU A 345 26.76 18.79 -2.41
N ASP A 346 26.99 19.98 -1.87
CA ASP A 346 28.34 20.55 -1.82
C ASP A 346 29.32 19.66 -1.07
N HIS A 347 28.88 19.07 0.04
CA HIS A 347 29.77 18.32 0.92
C HIS A 347 29.83 16.84 0.56
N SER A 348 29.12 16.43 -0.49
CA SER A 348 29.07 15.05 -0.95
C SER A 348 30.48 14.51 -1.21
N PRO A 349 30.68 13.21 -1.02
CA PRO A 349 31.98 12.60 -1.36
C PRO A 349 32.15 12.28 -2.83
N VAL A 350 31.16 12.59 -3.68
CA VAL A 350 31.31 12.32 -5.09
C VAL A 350 32.30 13.30 -5.71
N ASP A 351 32.79 12.96 -6.90
CA ASP A 351 33.72 13.84 -7.60
C ASP A 351 33.03 15.18 -7.89
N LYS A 352 33.79 16.27 -7.79
CA LYS A 352 33.21 17.60 -7.98
C LYS A 352 32.54 17.74 -9.34
N SER A 353 33.05 17.07 -10.38
CA SER A 353 32.44 17.24 -11.70
C SER A 353 31.08 16.58 -11.80
N PHE A 354 30.64 15.81 -10.79
CA PHE A 354 29.30 15.25 -10.82
C PHE A 354 28.32 16.00 -9.92
N LYS A 355 28.75 17.08 -9.26
CA LYS A 355 27.90 17.77 -8.29
C LYS A 355 27.08 18.85 -9.00
N LYS A 356 25.81 18.95 -8.62
CA LYS A 356 24.98 20.04 -9.12
C LYS A 356 25.38 21.35 -8.45
N GLU A 357 25.58 22.39 -9.26
CA GLU A 357 25.92 23.69 -8.69
C GLU A 357 24.72 24.34 -8.02
N LYS A 358 23.52 24.13 -8.56
CA LYS A 358 22.27 24.55 -7.95
C LYS A 358 21.32 23.36 -7.97
N VAL A 359 20.93 22.90 -6.79
CA VAL A 359 19.95 21.83 -6.65
C VAL A 359 18.86 22.30 -5.69
N LYS A 360 17.62 22.00 -6.02
CA LYS A 360 16.50 22.30 -5.11
C LYS A 360 15.88 21.02 -4.57
N ALA A 364 7.86 16.80 -0.37
CA ALA A 364 7.41 15.49 0.09
C ALA A 364 6.59 15.63 1.37
N LYS A 365 5.36 16.12 1.26
CA LYS A 365 4.51 16.19 2.45
C LYS A 365 4.15 14.81 3.00
N VAL A 366 3.96 14.78 4.31
CA VAL A 366 3.49 13.63 5.07
C VAL A 366 2.05 13.88 5.51
N ILE A 367 1.17 12.91 5.32
CA ILE A 367 -0.21 13.08 5.75
C ILE A 367 -0.50 12.05 6.82
N THR A 368 -1.52 12.34 7.64
CA THR A 368 -2.04 11.47 8.68
C THR A 368 -3.39 10.93 8.21
N ALA A 369 -3.47 9.63 7.99
CA ALA A 369 -4.72 9.00 7.58
C ALA A 369 -5.71 8.99 8.75
N ALA A 370 -6.92 9.49 8.49
CA ALA A 370 -8.05 9.38 9.43
C ALA A 370 -8.89 8.14 9.23
N ILE A 371 -9.04 7.64 8.00
CA ILE A 371 -9.77 6.40 7.74
C ILE A 371 -9.37 5.87 6.38
N LEU A 372 -9.54 4.57 6.19
CA LEU A 372 -9.24 3.87 4.95
C LEU A 372 -10.51 3.16 4.51
N ALA A 373 -10.72 3.05 3.20
CA ALA A 373 -11.89 2.34 2.69
C ALA A 373 -11.64 1.88 1.27
N GLY A 374 -12.50 0.98 0.80
CA GLY A 374 -12.36 0.46 -0.56
C GLY A 374 -11.00 -0.18 -0.75
N ASP A 375 -10.40 0.09 -1.90
CA ASP A 375 -9.18 -0.61 -2.24
C ASP A 375 -7.97 -0.14 -1.45
N LEU A 376 -8.15 0.75 -0.47
CA LEU A 376 -7.11 1.08 0.50
C LEU A 376 -7.32 0.37 1.83
N TYR A 377 -8.31 -0.53 1.92
CA TYR A 377 -8.70 -1.11 3.20
C TYR A 377 -9.00 -2.60 3.02
N PRO A 378 -8.53 -3.46 3.93
CA PRO A 378 -7.61 -3.14 5.03
C PRO A 378 -6.15 -3.10 4.57
N ALA A 379 -5.86 -3.71 3.43
CA ALA A 379 -4.50 -3.67 2.91
C ALA A 379 -4.32 -2.33 2.23
N THR A 380 -3.32 -1.56 2.66
CA THR A 380 -3.27 -0.16 2.30
C THR A 380 -1.90 0.20 1.77
N ALA A 381 -1.74 1.48 1.45
CA ALA A 381 -0.54 2.02 0.85
C ALA A 381 0.17 2.87 1.90
N ILE A 382 1.46 3.09 1.68
CA ILE A 382 2.21 4.04 2.50
C ILE A 382 2.43 5.35 1.78
N GLY A 383 2.01 5.45 0.52
CA GLY A 383 2.07 6.71 -0.19
C GLY A 383 0.98 6.78 -1.25
N ILE A 384 0.59 8.01 -1.59
CA ILE A 384 -0.45 8.26 -2.58
C ILE A 384 0.12 9.27 -3.56
N ASN A 385 0.02 8.98 -4.85
CA ASN A 385 0.56 9.86 -5.90
C ASN A 385 -0.48 9.99 -7.00
N LEU A 386 -1.15 11.14 -7.03
CA LEU A 386 -2.35 11.30 -7.84
C LEU A 386 -2.35 12.71 -8.42
N PRO A 387 -3.19 12.96 -9.44
CA PRO A 387 -4.09 12.02 -10.12
C PRO A 387 -3.32 11.22 -11.15
N ASN A 388 -4.01 10.31 -11.85
CA ASN A 388 -3.32 9.43 -12.79
C ASN A 388 -3.23 10.05 -14.18
N ALA A 389 -4.24 10.84 -14.56
CA ALA A 389 -4.31 11.47 -15.88
C ALA A 389 -3.06 12.27 -16.21
N ASN A 390 -2.29 11.82 -17.21
CA ASN A 390 -0.98 12.40 -17.48
C ASN A 390 -1.08 13.86 -17.89
N TRP A 391 -2.10 14.21 -18.70
CA TRP A 391 -2.21 15.58 -19.19
C TRP A 391 -2.55 16.55 -18.06
N ILE A 392 -3.27 16.08 -17.04
CA ILE A 392 -3.48 16.87 -15.83
C ILE A 392 -2.18 17.00 -15.03
N ARG A 393 -1.44 15.89 -14.88
CA ARG A 393 -0.18 15.97 -14.15
C ARG A 393 0.78 16.92 -14.84
N ALA A 394 0.77 16.95 -16.17
CA ALA A 394 1.76 17.72 -16.91
C ALA A 394 1.45 19.22 -16.87
N HIS A 395 0.17 19.58 -16.99
CA HIS A 395 -0.23 20.97 -17.14
C HIS A 395 -0.67 21.62 -15.83
N HIS A 396 -1.18 20.85 -14.87
CA HIS A 396 -1.67 21.40 -13.62
C HIS A 396 -0.90 20.92 -12.39
N GLY A 397 -0.26 19.77 -12.44
CA GLY A 397 0.55 19.26 -11.35
C GLY A 397 -0.04 18.03 -10.69
N SER A 398 0.39 17.79 -9.45
CA SER A 398 0.07 16.54 -8.80
C SER A 398 0.31 16.65 -7.30
N LYS A 399 -0.25 15.70 -6.55
CA LYS A 399 -0.02 15.57 -5.12
C LYS A 399 0.63 14.23 -4.85
N SER A 400 1.86 14.25 -4.32
CA SER A 400 2.54 13.03 -3.93
C SER A 400 2.86 13.12 -2.45
N VAL A 401 2.28 12.20 -1.67
CA VAL A 401 2.40 12.24 -0.22
C VAL A 401 2.73 10.85 0.31
N THR A 402 3.30 10.82 1.51
CA THR A 402 3.51 9.61 2.28
C THR A 402 2.64 9.65 3.54
N ILE A 403 2.22 8.48 3.98
CA ILE A 403 1.27 8.35 5.07
C ILE A 403 2.06 7.99 6.33
N GLY A 404 2.36 9.00 7.13
CA GLY A 404 3.26 8.81 8.26
C GLY A 404 2.73 7.90 9.33
N ASN A 405 1.42 7.96 9.62
CA ASN A 405 0.91 7.15 10.72
C ASN A 405 0.74 5.70 10.33
N ILE A 406 0.60 5.39 9.04
CA ILE A 406 0.60 4.00 8.61
C ILE A 406 2.01 3.43 8.70
N THR A 407 3.01 4.17 8.20
CA THR A 407 4.40 3.76 8.36
C THR A 407 4.76 3.57 9.82
N ASP A 408 4.31 4.47 10.69
CA ASP A 408 4.67 4.38 12.10
C ASP A 408 4.01 3.17 12.74
N ALA A 409 2.76 2.89 12.35
CA ALA A 409 2.07 1.71 12.86
C ALA A 409 2.79 0.43 12.46
N TYR A 410 3.24 0.35 11.21
CA TYR A 410 4.08 -0.77 10.78
C TYR A 410 5.25 -0.94 11.72
N ASN A 411 5.94 0.16 12.01
CA ASN A 411 7.16 0.10 12.82
C ASN A 411 6.83 -0.30 14.26
N LYS A 412 5.80 0.31 14.84
CA LYS A 412 5.45 0.02 16.23
C LYS A 412 4.96 -1.41 16.38
N ALA A 413 4.20 -1.90 15.40
CA ALA A 413 3.67 -3.26 15.50
C ALA A 413 4.80 -4.28 15.47
N ALA A 414 5.94 -3.94 14.85
CA ALA A 414 7.03 -4.90 14.77
C ALA A 414 7.81 -5.02 16.07
N HIS A 415 7.72 -4.05 16.97
CA HIS A 415 8.47 -4.11 18.21
C HIS A 415 8.03 -5.32 19.03
N GLY A 416 9.00 -6.10 19.50
CA GLY A 416 8.70 -7.27 20.29
C GLY A 416 8.17 -8.45 19.53
N ASN A 417 8.24 -8.43 18.20
CA ASN A 417 7.74 -9.56 17.43
C ASN A 417 8.71 -10.72 17.36
N GLY A 418 9.90 -10.62 17.98
CA GLY A 418 10.84 -11.72 17.96
C GLY A 418 11.93 -11.62 16.92
N PHE A 419 11.79 -10.73 15.94
CA PHE A 419 12.72 -10.69 14.82
C PHE A 419 14.10 -10.21 15.22
N ASN A 420 14.20 -9.02 15.83
CA ASN A 420 15.51 -8.53 16.26
C ASN A 420 16.14 -9.43 17.32
N GLU A 421 15.32 -10.03 18.20
CA GLU A 421 15.83 -10.98 19.17
C GLU A 421 16.51 -12.16 18.48
N GLU A 422 15.96 -12.59 17.35
CA GLU A 422 16.52 -13.75 16.67
C GLU A 422 17.80 -13.40 15.89
N PHE A 423 17.83 -12.25 15.21
CA PHE A 423 18.88 -12.05 14.22
C PHE A 423 19.96 -11.05 14.61
N VAL A 424 19.71 -10.14 15.57
CA VAL A 424 20.69 -9.13 15.92
C VAL A 424 21.80 -9.78 16.73
N CYS A 425 23.06 -9.36 16.50
CA CYS A 425 24.19 -10.13 17.00
C CYS A 425 24.33 -10.08 18.51
N ASN A 426 24.00 -8.96 19.16
CA ASN A 426 24.17 -8.86 20.61
C ASN A 426 23.19 -7.84 21.16
N ASP A 427 23.12 -7.79 22.49
CA ASP A 427 22.07 -7.01 23.15
C ASP A 427 22.33 -5.51 23.05
N GLU A 428 23.60 -5.08 22.93
CA GLU A 428 23.87 -3.67 22.77
C GLU A 428 23.26 -3.15 21.47
N GLU A 429 23.49 -3.85 20.36
CA GLU A 429 22.87 -3.49 19.10
C GLU A 429 21.36 -3.52 19.18
N ARG A 430 20.80 -4.58 19.80
CA ARG A 430 19.34 -4.67 19.88
C ARG A 430 18.79 -3.45 20.60
N GLN A 431 19.48 -3.03 21.66
CA GLN A 431 19.02 -1.90 22.45
C GLN A 431 19.12 -0.60 21.65
N ARG A 432 20.17 -0.46 20.85
CA ARG A 432 20.31 0.74 20.04
C ARG A 432 19.28 0.74 18.91
N ILE A 433 19.00 -0.43 18.33
CA ILE A 433 18.01 -0.51 17.27
C ILE A 433 16.61 -0.22 17.83
N ASP A 434 16.29 -0.78 18.99
CA ASP A 434 14.98 -0.52 19.58
C ASP A 434 14.79 0.97 19.85
N GLN A 435 15.86 1.66 20.29
CA GLN A 435 15.77 3.07 20.61
C GLN A 435 15.69 3.95 19.35
N TYR A 436 16.54 3.68 18.36
CA TYR A 436 16.75 4.63 17.28
C TYR A 436 16.43 4.07 15.91
N GLY A 437 16.13 2.78 15.78
CA GLY A 437 16.00 2.16 14.48
C GLY A 437 14.87 2.76 13.66
N ASP A 438 13.72 3.00 14.29
CA ASP A 438 12.59 3.53 13.55
C ASP A 438 12.87 4.94 13.04
N LEU A 439 13.38 5.80 13.92
CA LEU A 439 13.70 7.16 13.52
C LEU A 439 14.73 7.20 12.40
N THR A 440 15.83 6.43 12.55
CA THR A 440 16.87 6.58 11.55
C THR A 440 16.56 5.86 10.25
N GLY A 441 15.79 4.77 10.28
CA GLY A 441 15.28 4.19 9.05
C GLY A 441 14.43 5.15 8.24
N GLU A 442 13.46 5.78 8.88
CA GLU A 442 12.60 6.73 8.18
C GLU A 442 13.38 7.95 7.72
N LEU A 443 14.35 8.40 8.52
CA LEU A 443 15.19 9.50 8.10
C LEU A 443 16.02 9.09 6.88
N HIS A 444 16.53 7.85 6.88
CA HIS A 444 17.28 7.39 5.72
C HIS A 444 16.40 7.39 4.48
N THR A 445 15.16 6.92 4.64
CA THR A 445 14.18 6.98 3.56
C THR A 445 13.98 8.40 3.07
N ASP A 446 13.82 9.33 4.01
CA ASP A 446 13.61 10.74 3.65
C ASP A 446 14.78 11.28 2.86
N LEU A 447 16.01 10.95 3.27
CA LEU A 447 17.20 11.37 2.53
C LEU A 447 17.23 10.77 1.13
N HIS A 448 16.99 9.46 1.04
CA HIS A 448 16.93 8.78 -0.26
C HIS A 448 15.89 9.46 -1.16
N GLU A 449 14.66 9.62 -0.67
CA GLU A 449 13.57 10.10 -1.51
C GLU A 449 13.65 11.60 -1.76
N CYS A 450 14.03 12.40 -0.76
CA CYS A 450 14.05 13.84 -0.94
C CYS A 450 15.31 14.34 -1.63
N LEU A 451 16.44 13.65 -1.46
CA LEU A 451 17.68 14.22 -1.98
C LEU A 451 18.46 13.23 -2.83
N GLY A 452 18.40 11.93 -2.48
CA GLY A 452 19.31 10.97 -3.09
C GLY A 452 19.17 10.88 -4.60
N HIS A 453 17.93 10.73 -5.08
CA HIS A 453 17.72 10.65 -6.53
C HIS A 453 17.99 11.98 -7.22
N GLY A 454 17.67 13.10 -6.56
CA GLY A 454 17.90 14.40 -7.15
C GLY A 454 19.35 14.84 -7.18
N SER A 455 20.22 14.17 -6.42
CA SER A 455 21.60 14.62 -6.34
C SER A 455 22.37 14.19 -7.58
N GLY A 456 23.42 14.93 -7.90
CA GLY A 456 24.31 14.54 -8.97
C GLY A 456 23.75 14.84 -10.35
N LYS A 457 24.64 14.86 -11.33
CA LYS A 457 24.24 15.07 -12.70
C LYS A 457 25.10 14.21 -13.62
N LEU A 458 24.55 13.89 -14.79
CA LEU A 458 25.32 13.24 -15.83
C LEU A 458 26.31 14.23 -16.45
N LEU A 459 27.38 13.69 -17.00
CA LEU A 459 28.28 14.50 -17.82
C LEU A 459 27.66 14.72 -19.20
N PRO A 460 28.11 15.76 -19.92
CA PRO A 460 27.53 16.02 -21.25
C PRO A 460 27.67 14.83 -22.17
N GLY A 461 26.59 14.56 -22.90
CA GLY A 461 26.58 13.50 -23.90
C GLY A 461 26.29 12.11 -23.37
N VAL A 462 26.24 11.92 -22.05
CA VAL A 462 26.03 10.59 -21.50
C VAL A 462 24.55 10.24 -21.53
N ASP A 463 24.23 9.10 -22.12
CA ASP A 463 22.88 8.57 -22.21
C ASP A 463 22.35 8.19 -20.83
N PRO A 464 21.20 8.74 -20.40
CA PRO A 464 20.63 8.33 -19.11
C PRO A 464 20.35 6.83 -19.01
N ASP A 465 20.19 6.14 -20.15
CA ASP A 465 19.92 4.71 -20.17
C ASP A 465 21.17 3.89 -20.45
N ALA A 466 22.36 4.49 -20.28
CA ALA A 466 23.61 3.82 -20.62
C ALA A 466 23.83 2.52 -19.84
N LEU A 467 23.29 2.41 -18.63
CA LEU A 467 23.50 1.23 -17.82
C LEU A 467 22.52 0.11 -18.12
N LYS A 468 21.57 0.34 -19.03
CA LYS A 468 20.68 -0.68 -19.60
C LYS A 468 19.97 -1.41 -18.47
N ALA A 469 19.94 -2.74 -18.45
CA ALA A 469 19.18 -3.48 -17.44
C ALA A 469 19.66 -3.23 -16.01
N TYR A 470 20.88 -2.71 -15.83
CA TYR A 470 21.40 -2.47 -14.50
C TYR A 470 21.06 -1.09 -13.97
N GLY A 471 20.41 -0.24 -14.78
CA GLY A 471 20.24 1.16 -14.41
C GLY A 471 19.43 1.33 -13.14
N SER A 472 18.32 0.60 -13.04
CA SER A 472 17.44 0.71 -11.88
C SER A 472 18.15 0.28 -10.59
N THR A 473 18.87 -0.83 -10.64
CA THR A 473 19.58 -1.32 -9.45
C THR A 473 20.63 -0.32 -8.99
N ILE A 474 21.39 0.23 -9.94
CA ILE A 474 22.46 1.18 -9.62
C ILE A 474 21.89 2.50 -9.10
N GLU A 475 20.79 2.96 -9.71
CA GLU A 475 20.19 4.22 -9.28
C GLU A 475 19.64 4.14 -7.87
N GLU A 476 18.99 3.03 -7.53
CA GLU A 476 18.51 2.87 -6.17
C GLU A 476 19.66 2.72 -5.17
N ALA A 477 20.71 1.99 -5.55
CA ALA A 477 21.91 1.95 -4.72
C ALA A 477 22.49 3.35 -4.47
N ARG A 478 22.54 4.18 -5.52
CA ARG A 478 23.07 5.53 -5.38
C ARG A 478 22.29 6.34 -4.36
N ALA A 479 20.96 6.31 -4.45
CA ALA A 479 20.13 7.06 -3.53
C ALA A 479 20.25 6.51 -2.11
N ASP A 480 20.29 5.18 -1.97
CA ASP A 480 20.46 4.58 -0.65
C ASP A 480 21.79 4.98 -0.02
N LEU A 481 22.85 5.00 -0.81
CA LEU A 481 24.16 5.35 -0.28
C LEU A 481 24.24 6.81 0.12
N PHE A 482 23.62 7.69 -0.68
CA PHE A 482 23.49 9.09 -0.29
C PHE A 482 22.83 9.20 1.08
N GLY A 483 21.73 8.46 1.27
CA GLY A 483 21.05 8.46 2.56
C GLY A 483 21.91 7.86 3.67
N LEU A 484 22.62 6.78 3.38
CA LEU A 484 23.43 6.14 4.41
C LEU A 484 24.60 7.03 4.80
N TYR A 485 25.26 7.62 3.81
CA TYR A 485 26.40 8.48 4.11
C TYR A 485 26.00 9.65 4.99
N TYR A 486 24.83 10.26 4.71
CA TYR A 486 24.44 11.45 5.43
C TYR A 486 23.63 11.21 6.70
N VAL A 487 22.98 10.04 6.86
CA VAL A 487 22.26 9.81 8.10
C VAL A 487 23.22 9.83 9.30
N ALA A 488 24.50 9.58 9.06
CA ALA A 488 25.54 9.57 10.08
C ALA A 488 26.20 10.92 10.29
N ASP A 489 25.87 11.92 9.49
CA ASP A 489 26.58 13.18 9.56
C ASP A 489 26.21 13.94 10.84
N PRO A 490 27.19 14.54 11.53
CA PRO A 490 26.88 15.43 12.65
C PRO A 490 25.94 16.57 12.27
N LYS A 491 25.93 16.98 11.00
CA LYS A 491 25.00 18.01 10.56
C LYS A 491 23.57 17.69 11.00
N LEU A 492 23.20 16.40 11.01
CA LEU A 492 21.82 16.05 11.33
C LEU A 492 21.50 16.26 12.80
N VAL A 493 22.50 16.19 13.68
CA VAL A 493 22.27 16.57 15.07
C VAL A 493 22.02 18.06 15.16
N GLU A 494 22.90 18.84 14.53
CA GLU A 494 22.74 20.30 14.44
C GLU A 494 21.36 20.66 13.91
N LEU A 495 20.90 19.97 12.86
CA LEU A 495 19.63 20.29 12.24
C LEU A 495 18.43 19.76 13.04
N LYS A 496 18.70 19.07 14.16
CA LYS A 496 17.65 18.56 15.05
C LYS A 496 16.83 17.44 14.39
N LEU A 497 17.42 16.72 13.45
CA LEU A 497 16.78 15.55 12.87
C LEU A 497 17.06 14.27 13.64
N VAL A 498 18.25 14.12 14.21
CA VAL A 498 18.59 13.00 15.10
C VAL A 498 18.88 13.54 16.49
N PRO A 499 18.48 12.84 17.57
CA PRO A 499 18.70 13.36 18.92
C PRO A 499 20.13 13.24 19.44
N ASP A 500 20.99 12.44 18.82
CA ASP A 500 22.40 12.40 19.20
C ASP A 500 23.22 11.70 18.13
N ALA A 501 24.54 11.78 18.27
CA ALA A 501 25.48 11.44 17.23
C ALA A 501 25.67 9.94 17.05
N GLU A 502 25.13 9.10 17.94
N GLU A 502 25.11 9.12 17.94
CA GLU A 502 25.24 7.66 17.81
CA GLU A 502 25.23 7.66 17.84
C GLU A 502 24.03 7.01 17.15
C GLU A 502 24.03 7.03 17.14
N ALA A 503 22.92 7.75 17.01
CA ALA A 503 21.67 7.15 16.54
C ALA A 503 21.83 6.41 15.21
N TYR A 504 22.67 6.94 14.31
CA TYR A 504 22.78 6.35 12.98
C TYR A 504 23.23 4.90 13.01
N LYS A 505 23.90 4.47 14.06
CA LYS A 505 24.41 3.10 14.12
C LYS A 505 23.28 2.09 14.07
N ALA A 506 22.09 2.48 14.56
CA ALA A 506 20.94 1.59 14.45
C ALA A 506 20.62 1.30 12.99
N GLU A 507 20.54 2.35 12.18
CA GLU A 507 20.23 2.18 10.76
C GLU A 507 21.36 1.46 10.03
N TYR A 508 22.60 1.79 10.37
CA TYR A 508 23.74 1.10 9.77
C TYR A 508 23.69 -0.39 10.03
N TYR A 509 23.45 -0.79 11.28
CA TYR A 509 23.45 -2.21 11.58
C TYR A 509 22.32 -2.93 10.83
N THR A 510 21.10 -2.38 10.88
CA THR A 510 20.00 -3.09 10.25
C THR A 510 20.14 -3.12 8.73
N PHE A 511 20.68 -2.05 8.12
CA PHE A 511 20.88 -2.07 6.69
C PHE A 511 21.86 -3.17 6.29
N LEU A 512 22.96 -3.33 7.03
CA LEU A 512 23.94 -4.36 6.67
C LEU A 512 23.41 -5.74 7.00
N MET A 513 22.66 -5.88 8.08
N MET A 513 22.70 -5.90 8.12
CA MET A 513 22.08 -7.18 8.43
CA MET A 513 22.10 -7.19 8.41
C MET A 513 21.04 -7.61 7.41
C MET A 513 21.10 -7.58 7.32
N ASN A 514 20.18 -6.68 6.99
CA ASN A 514 19.20 -6.97 5.98
C ASN A 514 19.85 -7.22 4.62
N GLY A 515 20.87 -6.44 4.29
CA GLY A 515 21.49 -6.58 2.97
C GLY A 515 22.30 -7.84 2.83
N LEU A 516 23.05 -8.21 3.88
CA LEU A 516 23.87 -9.41 3.82
C LEU A 516 23.10 -10.68 4.11
N MET A 517 21.93 -10.60 4.74
CA MET A 517 21.43 -11.78 5.43
C MET A 517 19.90 -11.87 5.49
N THR A 518 19.25 -11.03 6.28
CA THR A 518 17.87 -11.30 6.63
C THR A 518 16.87 -10.99 5.51
N GLN A 519 17.26 -10.26 4.45
CA GLN A 519 16.31 -10.16 3.35
C GLN A 519 16.18 -11.47 2.58
N LEU A 520 17.05 -12.45 2.82
CA LEU A 520 16.90 -13.73 2.15
C LEU A 520 15.58 -14.41 2.47
N VAL A 521 14.85 -13.95 3.49
CA VAL A 521 13.54 -14.53 3.80
C VAL A 521 12.54 -14.29 2.69
N ARG A 522 12.80 -13.34 1.78
CA ARG A 522 11.89 -13.11 0.67
C ARG A 522 12.25 -13.92 -0.57
N ILE A 523 13.32 -14.70 -0.54
CA ILE A 523 13.75 -15.49 -1.69
C ILE A 523 13.26 -16.92 -1.54
N GLU A 524 12.70 -17.46 -2.62
CA GLU A 524 12.26 -18.85 -2.61
C GLU A 524 13.46 -19.79 -2.65
N PRO A 525 13.35 -20.97 -2.02
CA PRO A 525 14.42 -21.97 -2.07
C PRO A 525 15.01 -22.13 -3.46
N GLY A 526 16.34 -22.11 -3.55
CA GLY A 526 17.02 -22.33 -4.80
C GLY A 526 17.11 -21.15 -5.74
N ASN A 527 16.61 -19.97 -5.38
CA ASN A 527 16.65 -18.82 -6.27
C ASN A 527 17.72 -17.84 -5.83
N ASN A 528 17.91 -16.82 -6.65
CA ASN A 528 18.87 -15.74 -6.43
C ASN A 528 18.12 -14.42 -6.21
N ILE A 529 18.89 -13.35 -5.97
CA ILE A 529 18.29 -12.03 -5.84
C ILE A 529 17.91 -11.55 -7.24
N GLU A 530 16.67 -11.13 -7.39
CA GLU A 530 16.12 -10.75 -8.69
C GLU A 530 15.66 -9.30 -8.73
N GLU A 531 14.94 -8.85 -7.71
CA GLU A 531 14.31 -7.54 -7.71
C GLU A 531 15.35 -6.44 -7.47
N ALA A 532 15.15 -5.28 -8.13
CA ALA A 532 16.19 -4.26 -8.18
C ALA A 532 16.56 -3.73 -6.81
N HIS A 533 15.56 -3.47 -5.94
CA HIS A 533 15.84 -2.94 -4.61
C HIS A 533 16.55 -3.95 -3.74
N MET A 534 16.12 -5.22 -3.77
CA MET A 534 16.84 -6.25 -3.03
C MET A 534 18.28 -6.36 -3.52
N ARG A 535 18.47 -6.26 -4.84
CA ARG A 535 19.83 -6.30 -5.39
C ARG A 535 20.64 -5.13 -4.87
N ASN A 536 20.06 -3.92 -4.83
CA ASN A 536 20.86 -2.76 -4.49
C ASN A 536 21.30 -2.84 -3.04
N ARG A 537 20.47 -3.43 -2.17
CA ARG A 537 20.83 -3.56 -0.77
C ARG A 537 21.93 -4.60 -0.58
N GLN A 538 21.83 -5.76 -1.26
CA GLN A 538 22.89 -6.74 -1.15
C GLN A 538 24.19 -6.18 -1.76
N LEU A 539 24.07 -5.46 -2.87
CA LEU A 539 25.21 -4.82 -3.52
C LEU A 539 26.01 -3.98 -2.53
N ILE A 540 25.33 -3.02 -1.90
CA ILE A 540 25.98 -2.12 -0.95
C ILE A 540 26.60 -2.91 0.19
N ALA A 541 25.84 -3.82 0.78
CA ALA A 541 26.29 -4.52 1.97
C ALA A 541 27.46 -5.45 1.66
N ARG A 542 27.38 -6.21 0.56
CA ARG A 542 28.44 -7.15 0.22
C ARG A 542 29.71 -6.40 -0.16
N TRP A 543 29.58 -5.25 -0.83
CA TRP A 543 30.76 -4.47 -1.20
C TRP A 543 31.49 -3.99 0.05
N VAL A 544 30.74 -3.37 0.97
CA VAL A 544 31.33 -2.89 2.22
C VAL A 544 31.97 -4.05 2.98
N PHE A 545 31.30 -5.21 2.98
CA PHE A 545 31.83 -6.38 3.67
C PHE A 545 33.17 -6.81 3.07
N GLU A 546 33.25 -6.87 1.74
CA GLU A 546 34.50 -7.25 1.08
C GLU A 546 35.59 -6.23 1.34
N LYS A 547 35.29 -4.94 1.12
CA LYS A 547 36.32 -3.90 1.24
C LYS A 547 36.76 -3.71 2.68
N GLY A 548 35.87 -3.94 3.64
CA GLY A 548 36.31 -3.83 5.00
C GLY A 548 36.97 -5.06 5.58
N ALA A 549 37.03 -6.16 4.81
CA ALA A 549 37.43 -7.44 5.39
C ALA A 549 38.85 -7.46 5.94
N PRO A 550 39.87 -6.84 5.32
CA PRO A 550 41.21 -6.88 5.91
C PRO A 550 41.30 -6.24 7.28
N ASP A 551 40.41 -5.32 7.62
CA ASP A 551 40.37 -4.71 8.94
C ASP A 551 39.23 -5.24 9.79
N LYS A 552 38.57 -6.32 9.33
CA LYS A 552 37.40 -6.87 10.01
C LYS A 552 36.39 -5.80 10.35
N VAL A 553 36.19 -4.85 9.43
CA VAL A 553 35.22 -3.79 9.64
C VAL A 553 33.83 -4.38 9.90
N VAL A 554 33.44 -5.35 9.08
CA VAL A 554 32.20 -6.10 9.27
C VAL A 554 32.55 -7.59 9.20
N GLU A 555 32.01 -8.36 10.14
CA GLU A 555 32.16 -9.81 10.12
C GLU A 555 30.81 -10.49 10.10
N MET A 556 30.81 -11.74 9.64
CA MET A 556 29.69 -12.65 9.83
C MET A 556 30.21 -13.86 10.58
N VAL A 557 29.64 -14.12 11.75
CA VAL A 557 30.11 -15.10 12.72
C VAL A 557 28.96 -16.04 13.05
N LYS A 558 29.29 -17.29 13.38
CA LYS A 558 28.29 -18.27 13.75
C LYS A 558 28.39 -18.62 15.23
N LYS A 559 27.24 -18.70 15.91
CA LYS A 559 27.18 -19.27 17.25
C LYS A 559 26.02 -20.26 17.27
N ASP A 560 26.31 -21.50 17.66
CA ASP A 560 25.30 -22.58 17.63
C ASP A 560 24.69 -22.69 16.23
N GLY A 561 25.54 -22.60 15.22
CA GLY A 561 25.08 -22.74 13.86
C GLY A 561 24.24 -21.59 13.32
N LYS A 562 24.03 -20.52 14.08
CA LYS A 562 23.33 -19.35 13.59
C LYS A 562 24.32 -18.24 13.25
N THR A 563 24.10 -17.59 12.12
CA THR A 563 24.97 -16.53 11.65
C THR A 563 24.52 -15.17 12.17
N TYR A 564 25.47 -14.33 12.52
CA TYR A 564 25.21 -12.98 13.00
C TYR A 564 26.12 -12.00 12.27
N VAL A 565 25.58 -10.84 11.95
CA VAL A 565 26.36 -9.74 11.38
C VAL A 565 26.97 -8.93 12.51
N VAL A 566 28.28 -8.72 12.45
CA VAL A 566 29.04 -8.02 13.50
C VAL A 566 29.72 -6.81 12.88
N VAL A 567 29.46 -5.62 13.44
CA VAL A 567 30.02 -4.37 12.94
C VAL A 567 31.03 -3.91 13.99
N ASN A 568 32.29 -3.77 13.58
CA ASN A 568 33.35 -3.45 14.52
C ASN A 568 33.84 -2.01 14.44
N ASP A 569 33.53 -1.29 13.36
CA ASP A 569 34.00 0.09 13.24
C ASP A 569 32.95 0.86 12.43
N TYR A 570 32.04 1.54 13.13
CA TYR A 570 30.98 2.26 12.43
C TYR A 570 31.51 3.46 11.65
N GLU A 571 32.56 4.11 12.14
CA GLU A 571 33.15 5.23 11.40
C GLU A 571 33.73 4.77 10.07
N LYS A 572 34.41 3.61 10.04
CA LYS A 572 34.93 3.10 8.78
C LYS A 572 33.82 2.67 7.83
N VAL A 573 32.70 2.17 8.36
CA VAL A 573 31.58 1.84 7.51
C VAL A 573 31.08 3.10 6.79
N ARG A 574 30.99 4.22 7.52
CA ARG A 574 30.56 5.45 6.87
C ARG A 574 31.49 5.80 5.71
N GLN A 575 32.80 5.66 5.94
CA GLN A 575 33.77 5.99 4.90
C GLN A 575 33.63 5.06 3.70
N LEU A 576 33.39 3.78 3.95
CA LEU A 576 33.18 2.85 2.84
C LEU A 576 31.88 3.17 2.09
N PHE A 577 30.79 3.46 2.81
CA PHE A 577 29.59 3.93 2.13
C PHE A 577 29.90 5.11 1.21
N GLY A 578 30.71 6.04 1.70
CA GLY A 578 31.07 7.19 0.88
C GLY A 578 31.90 6.83 -0.34
N GLU A 579 32.83 5.88 -0.19
CA GLU A 579 33.64 5.46 -1.33
C GLU A 579 32.79 4.79 -2.40
N LEU A 580 31.85 3.93 -1.99
CA LEU A 580 30.98 3.29 -2.97
C LEU A 580 30.02 4.29 -3.60
N LEU A 581 29.54 5.26 -2.82
CA LEU A 581 28.72 6.33 -3.39
C LEU A 581 29.47 7.06 -4.50
N ALA A 582 30.74 7.40 -4.25
CA ALA A 582 31.54 8.09 -5.26
C ALA A 582 31.70 7.24 -6.51
N GLU A 583 32.02 5.96 -6.31
N GLU A 583 32.02 5.96 -6.34
CA GLU A 583 32.23 5.03 -7.41
CA GLU A 583 32.23 5.15 -7.53
C GLU A 583 30.96 4.85 -8.23
C GLU A 583 30.93 4.89 -8.27
N ILE A 584 29.81 4.75 -7.56
CA ILE A 584 28.54 4.55 -8.25
C ILE A 584 28.10 5.83 -8.97
N GLN A 585 28.30 6.99 -8.35
CA GLN A 585 28.08 8.25 -9.03
C GLN A 585 28.89 8.34 -10.32
N ARG A 586 30.15 7.94 -10.28
CA ARG A 586 30.98 7.96 -11.48
C ARG A 586 30.41 7.03 -12.54
N ILE A 587 29.97 5.84 -12.12
CA ILE A 587 29.40 4.87 -13.05
C ILE A 587 28.19 5.47 -13.76
N LYS A 588 27.28 6.07 -13.00
CA LYS A 588 26.09 6.67 -13.58
C LYS A 588 26.45 7.87 -14.46
N SER A 589 27.29 8.78 -13.95
CA SER A 589 27.52 10.05 -14.66
C SER A 589 28.33 9.87 -15.92
N THR A 590 29.12 8.81 -16.01
CA THR A 590 29.91 8.52 -17.20
C THR A 590 29.30 7.43 -18.08
N GLY A 591 28.20 6.81 -17.66
CA GLY A 591 27.58 5.79 -18.48
C GLY A 591 28.36 4.50 -18.53
N ASP A 592 29.00 4.11 -17.42
CA ASP A 592 29.94 3.00 -17.35
C ASP A 592 29.15 1.69 -17.17
N PHE A 593 28.65 1.18 -18.30
CA PHE A 593 27.85 -0.05 -18.26
C PHE A 593 28.65 -1.20 -17.66
N GLU A 594 29.90 -1.38 -18.11
CA GLU A 594 30.71 -2.49 -17.62
C GLU A 594 30.96 -2.37 -16.12
N GLY A 595 31.20 -1.15 -15.62
CA GLY A 595 31.32 -0.96 -14.20
C GLY A 595 30.04 -1.31 -13.47
N ALA A 596 28.90 -0.87 -14.00
CA ALA A 596 27.62 -1.21 -13.41
C ALA A 596 27.45 -2.73 -13.36
N ARG A 597 27.64 -3.39 -14.50
CA ARG A 597 27.49 -4.84 -14.57
C ARG A 597 28.40 -5.55 -13.59
N THR A 598 29.67 -5.14 -13.54
CA THR A 598 30.61 -5.74 -12.59
C THR A 598 30.10 -5.67 -11.16
N LEU A 599 29.64 -4.48 -10.75
CA LEU A 599 29.16 -4.32 -9.37
C LEU A 599 27.93 -5.19 -9.12
N VAL A 600 26.96 -5.15 -10.03
CA VAL A 600 25.73 -5.91 -9.84
C VAL A 600 26.01 -7.42 -9.83
N GLU A 601 26.72 -7.91 -10.85
CA GLU A 601 26.89 -9.36 -10.96
C GLU A 601 27.78 -9.91 -9.85
N ASN A 602 28.78 -9.14 -9.38
CA ASN A 602 29.72 -9.68 -8.41
C ASN A 602 29.23 -9.57 -6.97
N TYR A 603 28.31 -8.66 -6.68
CA TYR A 603 27.88 -8.43 -5.31
C TYR A 603 26.40 -8.61 -5.05
N ALA A 604 25.54 -8.45 -6.07
CA ALA A 604 24.13 -8.19 -5.83
C ALA A 604 23.21 -9.40 -6.10
N VAL A 605 23.72 -10.50 -6.64
CA VAL A 605 22.88 -11.53 -7.24
C VAL A 605 22.97 -12.85 -6.48
N LYS A 606 24.18 -13.33 -6.24
CA LYS A 606 24.39 -14.72 -5.82
C LYS A 606 24.00 -14.93 -4.36
N VAL A 607 23.21 -15.96 -4.10
CA VAL A 607 22.77 -16.30 -2.75
C VAL A 607 23.54 -17.52 -2.28
N ASP A 608 24.01 -17.49 -1.04
CA ASP A 608 24.63 -18.67 -0.46
C ASP A 608 23.52 -19.64 -0.04
N PRO A 609 23.51 -20.87 -0.53
CA PRO A 609 22.38 -21.78 -0.18
C PRO A 609 22.29 -22.06 1.32
N ALA A 610 23.43 -22.26 1.99
CA ALA A 610 23.42 -22.61 3.40
C ALA A 610 22.90 -21.45 4.24
N LEU A 611 23.36 -20.23 3.96
CA LEU A 611 22.85 -19.07 4.68
C LEU A 611 21.36 -18.87 4.42
N HIS A 612 20.93 -19.00 3.15
CA HIS A 612 19.52 -18.86 2.82
C HIS A 612 18.64 -19.80 3.65
N ALA A 613 18.99 -21.09 3.67
CA ALA A 613 18.17 -22.07 4.40
C ALA A 613 18.20 -21.81 5.90
N GLU A 614 19.36 -21.42 6.42
CA GLU A 614 19.51 -21.12 7.84
C GLU A 614 18.62 -19.96 8.25
N VAL A 615 18.66 -18.88 7.48
CA VAL A 615 17.86 -17.71 7.79
C VAL A 615 16.37 -18.02 7.72
N LEU A 616 15.95 -18.75 6.67
CA LEU A 616 14.54 -19.11 6.54
C LEU A 616 14.06 -19.95 7.70
N ALA A 617 14.87 -20.91 8.15
CA ALA A 617 14.39 -21.77 9.22
C ALA A 617 14.24 -20.97 10.51
N ARG A 618 15.19 -20.06 10.76
CA ARG A 618 15.09 -19.19 11.92
C ARG A 618 13.88 -18.25 11.79
N TYR A 619 13.67 -17.73 10.58
CA TYR A 619 12.58 -16.79 10.38
C TYR A 619 11.21 -17.47 10.48
N LYS A 620 11.05 -18.66 9.90
CA LYS A 620 9.73 -19.27 9.90
C LYS A 620 9.26 -19.62 11.31
N LYS A 621 10.21 -19.87 12.22
CA LYS A 621 9.85 -20.18 13.60
C LYS A 621 9.18 -19.00 14.29
N LEU A 622 9.41 -17.79 13.79
CA LEU A 622 8.85 -16.60 14.43
C LEU A 622 7.37 -16.41 14.13
N ASN A 623 6.84 -17.10 13.11
CA ASN A 623 5.42 -17.05 12.77
C ASN A 623 4.97 -15.61 12.49
N LEU A 624 5.73 -14.92 11.65
CA LEU A 624 5.38 -13.57 11.25
C LEU A 624 4.58 -13.63 9.95
N ALA A 625 3.43 -12.93 9.92
CA ALA A 625 2.62 -13.03 8.71
C ALA A 625 3.24 -12.16 7.62
N PRO A 626 3.29 -12.66 6.38
CA PRO A 626 3.88 -11.87 5.29
C PRO A 626 3.05 -10.67 4.82
N TYR A 627 1.75 -10.62 5.08
CA TYR A 627 0.93 -9.49 4.67
C TYR A 627 0.27 -8.82 5.86
N LYS A 628 0.18 -7.50 5.80
CA LYS A 628 -0.44 -6.69 6.84
C LYS A 628 -1.62 -5.91 6.28
N GLY A 629 -2.62 -5.67 7.13
CA GLY A 629 -3.67 -4.71 6.84
C GLY A 629 -4.13 -4.08 8.13
N PHE A 630 -4.93 -3.02 7.99
CA PHE A 630 -5.30 -2.19 9.14
C PHE A 630 -6.81 -2.15 9.30
N ILE A 631 -7.26 -2.10 10.55
CA ILE A 631 -8.62 -1.69 10.84
C ILE A 631 -8.62 -0.19 11.11
N ASN A 632 -9.77 0.43 10.93
CA ASN A 632 -9.96 1.85 11.12
C ASN A 632 -10.27 2.16 12.58
N PRO A 633 -10.00 3.39 13.03
CA PRO A 633 -10.65 3.87 14.26
C PRO A 633 -12.14 4.07 14.06
N VAL A 634 -12.85 4.42 15.13
CA VAL A 634 -14.29 4.69 15.09
C VAL A 634 -14.53 6.15 15.47
N TYR A 635 -15.23 6.88 14.60
CA TYR A 635 -15.57 8.27 14.88
C TYR A 635 -17.03 8.35 15.30
N GLU A 636 -17.31 9.22 16.26
CA GLU A 636 -18.67 9.44 16.76
C GLU A 636 -18.99 10.93 16.79
N LEU A 637 -20.16 11.29 16.28
CA LEU A 637 -20.63 12.66 16.29
C LEU A 637 -21.44 12.91 17.56
N VAL A 638 -21.10 13.98 18.29
CA VAL A 638 -21.85 14.40 19.47
C VAL A 638 -22.64 15.65 19.12
N THR A 639 -23.96 15.62 19.32
CA THR A 639 -24.85 16.72 19.01
C THR A 639 -25.67 17.14 20.24
N ASP A 640 -26.28 18.31 20.14
CA ASP A 640 -27.15 18.79 21.21
C ASP A 640 -28.60 18.41 20.87
N LYS A 641 -29.54 18.86 21.70
CA LYS A 641 -30.96 18.66 21.50
C LYS A 641 -31.47 18.87 20.06
N ASP A 642 -31.21 20.07 19.51
CA ASP A 642 -31.55 20.39 18.12
C ASP A 642 -30.75 19.60 17.10
N GLY A 643 -29.55 19.18 17.45
CA GLY A 643 -28.72 18.32 16.63
C GLY A 643 -27.45 19.00 16.19
N ASN A 644 -27.10 20.12 16.81
CA ASN A 644 -25.94 20.91 16.45
C ASN A 644 -24.73 20.12 16.92
N ILE A 645 -23.69 20.00 16.09
CA ILE A 645 -22.56 19.21 16.57
C ILE A 645 -21.83 19.99 17.65
N THR A 646 -21.51 19.29 18.74
CA THR A 646 -20.77 19.83 19.87
C THR A 646 -19.39 19.20 20.03
N ASP A 647 -19.16 18.04 19.41
CA ASP A 647 -17.85 17.40 19.46
C ASP A 647 -17.82 16.27 18.45
N VAL A 648 -16.61 15.82 18.15
CA VAL A 648 -16.37 14.62 17.35
C VAL A 648 -15.26 13.83 18.04
N THR A 649 -15.54 12.58 18.41
CA THR A 649 -14.58 11.78 19.14
C THR A 649 -14.05 10.68 18.23
N VAL A 650 -12.86 10.20 18.55
CA VAL A 650 -12.27 9.07 17.87
C VAL A 650 -11.92 8.01 18.91
N SER A 651 -12.18 6.76 18.58
CA SER A 651 -12.01 5.65 19.49
C SER A 651 -11.29 4.51 18.76
N TYR A 652 -10.60 3.66 19.53
CA TYR A 652 -9.83 2.57 18.94
C TYR A 652 -10.23 1.22 19.50
N ASN A 653 -11.35 1.13 20.21
CA ASN A 653 -11.71 -0.10 20.91
C ASN A 653 -12.66 -0.93 20.08
N GLU A 654 -12.22 -1.27 18.87
CA GLU A 654 -12.94 -2.20 18.00
C GLU A 654 -11.92 -3.14 17.38
N ASP A 655 -12.23 -4.43 17.33
CA ASP A 655 -11.29 -5.37 16.73
C ASP A 655 -11.73 -5.70 15.29
N TYR A 656 -11.12 -6.74 14.72
CA TYR A 656 -11.28 -7.02 13.30
C TYR A 656 -12.66 -7.59 13.00
N VAL A 657 -13.05 -8.65 13.71
CA VAL A 657 -14.39 -9.23 13.55
C VAL A 657 -15.48 -8.19 13.76
N GLU A 658 -15.33 -7.39 14.83
CA GLU A 658 -16.35 -6.40 15.16
C GLU A 658 -16.52 -5.37 14.06
N GLN A 659 -15.40 -4.86 13.53
CA GLN A 659 -15.47 -3.80 12.54
C GLN A 659 -16.04 -4.32 11.22
N MET A 660 -15.61 -5.52 10.81
CA MET A 660 -16.13 -6.10 9.58
C MET A 660 -17.62 -6.36 9.67
N LEU A 661 -18.07 -6.93 10.80
CA LEU A 661 -19.51 -7.16 10.95
C LEU A 661 -20.27 -5.84 11.00
N ARG A 662 -19.70 -4.83 11.65
CA ARG A 662 -20.37 -3.54 11.74
C ARG A 662 -20.49 -2.86 10.38
N TYR A 663 -19.40 -2.90 9.59
CA TYR A 663 -19.46 -2.35 8.24
C TYR A 663 -20.48 -3.08 7.37
N SER A 664 -20.53 -4.41 7.47
CA SER A 664 -21.49 -5.16 6.67
C SER A 664 -22.93 -4.93 7.11
N LYS A 665 -23.15 -4.51 8.35
CA LYS A 665 -24.49 -4.21 8.83
C LYS A 665 -24.91 -2.76 8.55
N ASP A 666 -24.01 -1.80 8.77
CA ASP A 666 -24.39 -0.39 8.76
C ASP A 666 -23.88 0.37 7.54
N TYR A 667 -22.88 -0.15 6.84
CA TYR A 667 -22.28 0.53 5.69
C TYR A 667 -22.28 -0.38 4.47
N SER A 668 -23.43 -0.98 4.17
CA SER A 668 -23.52 -2.02 3.14
C SER A 668 -24.81 -1.82 2.34
N PRO A 669 -24.90 -0.72 1.57
CA PRO A 669 -26.17 -0.41 0.88
C PRO A 669 -26.41 -1.12 -0.43
N LEU A 670 -25.41 -1.81 -1.01
CA LEU A 670 -25.61 -2.38 -2.33
C LEU A 670 -26.51 -3.62 -2.27
N PRO A 671 -27.32 -3.86 -3.30
CA PRO A 671 -27.96 -5.17 -3.44
C PRO A 671 -26.93 -6.26 -3.58
N SER A 672 -27.34 -7.48 -3.24
CA SER A 672 -26.39 -8.60 -3.30
C SER A 672 -26.00 -8.90 -4.75
N VAL A 673 -26.89 -8.67 -5.69
CA VAL A 673 -26.63 -8.83 -7.11
C VAL A 673 -26.73 -7.48 -7.78
N ASN A 674 -25.72 -7.11 -8.56
CA ASN A 674 -25.65 -5.78 -9.18
C ASN A 674 -25.66 -5.95 -10.70
N ASN A 675 -26.82 -6.34 -11.23
CA ASN A 675 -26.98 -6.59 -12.67
C ASN A 675 -28.11 -5.79 -13.27
ZN ZN B . 14.16 5.51 -4.71
S SO4 C . 23.86 22.32 -12.30
O1 SO4 C . 23.86 23.30 -11.22
O2 SO4 C . 23.72 23.01 -13.58
O3 SO4 C . 22.73 21.40 -12.12
O4 SO4 C . 25.11 21.58 -12.27
S SO4 D . 30.39 1.06 18.74
O1 SO4 D . 29.39 1.80 19.50
O2 SO4 D . 30.93 1.90 17.66
O3 SO4 D . 31.49 0.66 19.62
O4 SO4 D . 29.78 -0.15 18.17
CL CL E . -7.59 11.70 -7.92
CL CL F . 12.26 -8.01 18.86
CL CL G . -19.95 -16.33 -14.72
#